data_8VIA
#
_entry.id   8VIA
#
_cell.length_a   1.00
_cell.length_b   1.00
_cell.length_c   1.00
_cell.angle_alpha   90.00
_cell.angle_beta   90.00
_cell.angle_gamma   90.00
#
_symmetry.space_group_name_H-M   'P 1'
#
loop_
_entity.id
_entity.type
_entity.pdbx_description
1 polymer 'Spike protein S1'
2 polymer 'Spike protein S2'
3 polymer 'PVI.V5-4 heavy chain'
4 polymer 'PVI.V5-4 light chain'
5 branched 2-acetamido-2-deoxy-beta-D-glucopyranose-(1-4)-2-acetamido-2-deoxy-beta-D-glucopyranose
6 non-polymer 2-acetamido-2-deoxy-beta-D-glucopyranose
#
loop_
_entity_poly.entity_id
_entity_poly.type
_entity_poly.pdbx_seq_one_letter_code
_entity_poly.pdbx_strand_id
1 'polypeptide(L)'
;CVNLTTRTQLPPAYTNSFTRGVYYPDKVFRSSVLHSTQDLFLPFFSNVTWFHAIHVSGTNGTKRFDNPVLPFNDGVYFAS
TEKSNIIRGWIFGTTLDSKTQSLLIVNNATNVVIKVCEFQFCNDPFLGVYYHKNNKSWMESEFRVYSSANNCTFEYVSQP
FLMDLEGKQGNFKNLREFVFKNIDGYFKIYSKHTPINLVRDLPQGFSALEPLVDLPIGINITRFQTLLALHRSYLTPGDS
SSGWTAGAAAYYVGYLQPRTFLLKYNENGTITDAVDCALDPLSETKCTLKSFTVEKGIYQTSNFRVQPTESIVRFPNITN
LCPFGEVFNATRFASVYAWNRKRISNCVADYSVLYNSASFSTFKCYGVSPTKLNDLCFTNVYADSFVIRGDEVRQIAPGQ
TGKIADYNYKLPDDFTGCVIAWNSNNLDSKVGGNYNYLYRLFRKSNLKPFERDISTEIYQAGSTPCNGVEGFNCYFPLQS
YGFQPTNGVGYQPYRVVVLSFELLHAPATVCGPKKSTNLVKNKCVNFNFNGLTGTGVLTESNKKFLPFQQFGRDIADTTD
AVRDPQTLEILDITPCSFGGVSVITPGTNTSNQVAVLYQDVNCTEVPVAIHADQLTPTWRVYSTGSNVFQTRAGCLIGAE
HVNNSYECDIPIGAGICASYQT
;
D
2 'polypeptide(L)'
;QTNSPGSASSVASQSIIAYTMSLGAENSVAYSNNSIAIPTNFTISVTTEILPVSMTKTSVDCTMYICGDSTECSNLLLQY
GSFCTQLNRALTGIAVEQDKNTQEVFAQVKQIYKTPPIKDFGGFNFSQILPDPSKPSKRSPIEDLLFNKVTLADAGFIKQ
YGDCLGDIAARDLICAQKFNGLTVLPPLLTDEMIAQYTSALLAGTITSGWTFGAGPALQIPFPMQMAYRFNGIGVTQNVL
YENQKLIANQFNSAIGKIQDSLSSTPSALGKLQDVVNQNAQALNTLVKQLSSNFGAISSVLNDILSRLDPPEAEVQIDRL
ITGRLQSLQTYVTQQLIRAAEIRASANLAATKMSECVLGQSKRVDFCGKGYHLMSFPQSAPHGVVFLHVTYVPAQEKNFT
TAPAICHDGKAHFPREGVFVSNGTHWFVTQRNFYEPQIITTDNTFVSGNCDVVIGIVNNTVYDPLQPELDSFKEELDKYF
KNHTSPDVDLGDISGINASVVNIQKEIDRLNEVAKNLNESLIDLQELGKYEQGSGYIPEAPRDGQAYVRKDGEWVLLSTF
LGRSLEVLFQ
;
C
3 'polypeptide(L)'
;EVQLVESGGGVVQPGRSLRLSCAASGFTFSNYAMHWVRQAPGKGLEWVAVISYDGSNKYYADSVKGRFTISRDNSKNTLY
LQMNSLRAEDTAVYYCARENNYYDSSGYSYYFDYWGQGTLVTVSGASTKGPSVFPLAPSSKSTSGGTAALGCLVKDYFPE
PVTVSWNSGALTSGVHTFPAVLQSSGLYSLSSVVTVPSSSLGTQTYICNVNHKPSNTKVDKRVEPKSCDKLEVLFQ
;
H
4 'polypeptide(L)'
;EIVLTQSPGTLSLSPGERATLSCRASQSVSSSYLAWYQQKPGQAPRLLIYGASSRATGIPDRFSGSGSGTDFTLTISRLE
PEDFAVYYCQQYGSSPMCSFGQGTKVEIKRTVAAPSVFIFPPSDEQLKSGTASVVCLLNNFYPREAKVQWKVDNALQSGN
SQESVTEQDSKDSTYSLSSTLTLSKADYEKHKVYACEVTHQGLSSPVTKSFNRGEC
;
L
#
loop_
_chem_comp.id
_chem_comp.type
_chem_comp.name
_chem_comp.formula
NAG D-saccharide, beta linking 2-acetamido-2-deoxy-beta-D-glucopyranose 'C8 H15 N O6'
#
# COMPACT_ATOMS: atom_id res chain seq x y z
N CYS A 277 -34.24 -8.29 -4.31
CA CYS A 277 -33.03 -7.96 -3.57
C CYS A 277 -32.72 -6.48 -3.70
N ALA A 278 -32.94 -5.91 -4.88
CA ALA A 278 -32.59 -4.53 -5.15
C ALA A 278 -33.82 -3.63 -5.09
N LEU A 279 -34.28 -3.38 -3.88
CA LEU A 279 -35.49 -2.58 -3.71
C LEU A 279 -35.52 -1.84 -2.37
N ASP A 280 -35.22 -2.54 -1.28
CA ASP A 280 -35.19 -1.97 0.05
C ASP A 280 -33.88 -2.40 0.72
N PRO A 281 -33.43 -1.66 1.73
CA PRO A 281 -32.40 -2.20 2.63
C PRO A 281 -32.85 -3.44 3.37
N LEU A 282 -34.13 -3.55 3.72
CA LEU A 282 -34.68 -4.81 4.26
C LEU A 282 -34.68 -5.90 3.20
N SER A 283 -34.88 -5.53 1.93
CA SER A 283 -34.95 -6.50 0.85
C SER A 283 -33.61 -7.09 0.49
N GLU A 284 -32.50 -6.55 1.00
CA GLU A 284 -31.19 -7.09 0.74
C GLU A 284 -30.46 -7.59 2.00
N THR A 285 -31.04 -7.44 3.18
CA THR A 285 -30.73 -8.37 4.27
C THR A 285 -31.45 -9.69 4.07
N LYS A 286 -32.60 -9.64 3.40
CA LYS A 286 -33.40 -10.82 3.15
C LYS A 286 -32.78 -11.73 2.11
N CYS A 287 -31.84 -11.22 1.30
CA CYS A 287 -31.12 -12.02 0.32
C CYS A 287 -29.76 -12.49 0.83
N THR A 288 -29.12 -11.75 1.74
CA THR A 288 -27.79 -12.15 2.21
C THR A 288 -27.85 -13.23 3.28
N LEU A 289 -29.02 -13.52 3.82
CA LEU A 289 -29.17 -14.56 4.82
C LEU A 289 -30.14 -15.65 4.36
N LYS A 290 -30.69 -15.52 3.15
CA LYS A 290 -31.46 -16.52 2.41
C LYS A 290 -32.73 -16.95 3.13
N SER A 291 -33.27 -16.09 3.99
CA SER A 291 -34.46 -16.36 4.77
C SER A 291 -35.39 -15.18 4.66
N PHE A 292 -36.68 -15.46 4.47
CA PHE A 292 -37.65 -14.38 4.31
C PHE A 292 -37.99 -13.70 5.62
N THR A 293 -37.63 -14.31 6.75
CA THR A 293 -37.82 -13.71 8.06
C THR A 293 -36.47 -13.35 8.63
N VAL A 294 -36.23 -12.06 8.82
CA VAL A 294 -35.07 -11.59 9.54
C VAL A 294 -35.44 -11.44 11.01
N GLU A 295 -34.43 -11.26 11.84
CA GLU A 295 -34.65 -10.99 13.24
C GLU A 295 -34.33 -9.54 13.54
N LYS A 296 -34.22 -9.23 14.83
CA LYS A 296 -33.85 -7.89 15.26
C LYS A 296 -32.36 -7.87 15.54
N GLY A 297 -31.63 -7.09 14.78
CA GLY A 297 -30.19 -6.97 14.95
C GLY A 297 -29.57 -6.20 13.81
N ILE A 298 -28.30 -5.84 13.99
CA ILE A 298 -27.55 -5.19 12.94
C ILE A 298 -27.01 -6.25 11.98
N TYR A 299 -27.27 -6.06 10.69
CA TYR A 299 -27.07 -7.10 9.69
C TYR A 299 -26.09 -6.55 8.66
N GLN A 300 -24.84 -7.01 8.72
CA GLN A 300 -23.86 -6.60 7.71
C GLN A 300 -24.08 -7.42 6.45
N THR A 301 -24.32 -6.73 5.34
CA THR A 301 -24.76 -7.41 4.13
C THR A 301 -23.73 -7.34 3.00
N SER A 302 -24.21 -7.48 1.77
CA SER A 302 -23.34 -7.70 0.62
C SER A 302 -23.42 -6.55 -0.38
N ASN A 303 -23.74 -6.87 -1.63
CA ASN A 303 -23.63 -5.88 -2.71
C ASN A 303 -24.87 -4.99 -2.69
N PHE A 304 -24.70 -3.75 -3.15
CA PHE A 304 -25.75 -2.73 -3.24
C PHE A 304 -26.59 -2.90 -4.50
N ARG A 305 -26.19 -3.86 -5.35
CA ARG A 305 -26.89 -4.40 -6.50
C ARG A 305 -27.07 -3.38 -7.63
N VAL A 306 -27.71 -3.84 -8.72
CA VAL A 306 -27.90 -3.17 -10.01
C VAL A 306 -26.54 -2.74 -10.55
N GLN A 307 -26.16 -1.45 -10.35
CA GLN A 307 -24.99 -0.76 -10.90
C GLN A 307 -24.82 -0.95 -12.40
N PRO A 308 -25.43 -0.10 -13.23
CA PRO A 308 -25.27 -0.23 -14.68
C PRO A 308 -23.89 0.20 -15.14
N THR A 309 -23.32 -0.61 -16.03
CA THR A 309 -21.98 -0.36 -16.54
C THR A 309 -22.04 -0.18 -18.05
N GLU A 310 -21.00 0.47 -18.58
CA GLU A 310 -20.70 0.51 -20.01
C GLU A 310 -19.19 0.35 -20.14
N SER A 311 -18.59 0.99 -21.14
CA SER A 311 -17.18 0.75 -21.45
C SER A 311 -16.46 2.02 -21.87
N ILE A 312 -15.21 2.17 -21.42
CA ILE A 312 -14.32 3.25 -21.80
C ILE A 312 -13.05 2.66 -22.39
N VAL A 313 -12.70 3.10 -23.60
CA VAL A 313 -11.54 2.61 -24.33
C VAL A 313 -10.69 3.82 -24.74
N ARG A 314 -9.46 3.89 -24.20
CA ARG A 314 -8.53 4.99 -24.49
C ARG A 314 -7.15 4.39 -24.74
N PHE A 315 -6.58 4.64 -25.94
CA PHE A 315 -5.29 4.10 -26.38
C PHE A 315 -4.66 5.14 -27.31
N PRO A 316 -3.29 5.33 -27.30
CA PRO A 316 -2.70 6.65 -27.59
C PRO A 316 -2.71 7.14 -29.03
N ASN A 317 -1.96 8.23 -29.25
CA ASN A 317 -1.56 8.64 -30.58
C ASN A 317 -0.73 7.54 -31.21
N ILE A 318 -0.90 7.31 -32.51
CA ILE A 318 -0.28 6.16 -33.14
C ILE A 318 0.24 6.57 -34.51
N THR A 319 1.34 5.92 -34.92
CA THR A 319 2.06 6.22 -36.15
C THR A 319 1.44 5.56 -37.39
N ASN A 320 0.92 4.32 -37.21
CA ASN A 320 0.30 3.38 -38.16
C ASN A 320 1.34 2.76 -39.10
N LEU A 321 0.93 1.70 -39.81
CA LEU A 321 1.71 0.99 -40.86
C LEU A 321 2.98 0.38 -40.27
N CYS A 322 2.84 -0.88 -39.84
CA CYS A 322 3.87 -1.46 -39.00
C CYS A 322 4.69 -2.52 -39.73
N PRO A 323 5.97 -2.67 -39.37
CA PRO A 323 6.75 -3.83 -39.84
C PRO A 323 6.17 -5.16 -39.39
N PHE A 324 5.35 -5.76 -40.25
CA PHE A 324 4.67 -7.01 -39.96
C PHE A 324 5.58 -8.19 -40.31
N GLY A 325 4.98 -9.30 -40.75
CA GLY A 325 5.74 -10.37 -41.35
C GLY A 325 6.05 -10.12 -42.80
N GLU A 326 5.47 -9.06 -43.40
CA GLU A 326 5.71 -8.70 -44.79
C GLU A 326 7.06 -8.05 -45.01
N VAL A 327 7.76 -7.64 -43.94
CA VAL A 327 9.17 -7.29 -44.03
C VAL A 327 10.05 -8.37 -43.41
N PHE A 328 9.45 -9.43 -42.88
CA PHE A 328 10.21 -10.50 -42.25
C PHE A 328 10.09 -11.74 -43.13
N ASN A 329 10.47 -11.60 -44.38
CA ASN A 329 10.15 -12.60 -45.39
C ASN A 329 11.20 -12.54 -46.50
N ALA A 330 10.88 -13.17 -47.64
CA ALA A 330 11.58 -13.11 -48.93
C ALA A 330 13.00 -13.65 -48.77
N THR A 331 14.04 -12.87 -49.05
CA THR A 331 15.40 -13.31 -48.87
C THR A 331 15.99 -12.67 -47.62
N ARG A 332 17.29 -12.93 -47.41
CA ARG A 332 18.11 -12.44 -46.29
C ARG A 332 17.53 -12.82 -44.92
N PHE A 333 17.29 -14.11 -44.76
CA PHE A 333 16.86 -14.66 -43.48
C PHE A 333 18.08 -14.67 -42.56
N ALA A 334 17.93 -14.17 -41.34
CA ALA A 334 19.11 -13.90 -40.51
C ALA A 334 19.70 -15.19 -39.95
N SER A 335 21.00 -15.12 -39.65
CA SER A 335 21.76 -16.31 -39.28
C SER A 335 21.41 -16.77 -37.87
N VAL A 336 21.62 -18.06 -37.62
CA VAL A 336 21.26 -18.61 -36.32
C VAL A 336 22.31 -18.28 -35.28
N TYR A 337 23.56 -18.05 -35.68
CA TYR A 337 24.56 -17.54 -34.77
C TYR A 337 24.74 -16.03 -34.89
N ALA A 338 24.22 -15.43 -35.95
CA ALA A 338 24.31 -13.99 -36.18
C ALA A 338 22.96 -13.41 -36.52
N TRP A 339 21.98 -13.59 -35.65
CA TRP A 339 20.70 -12.91 -35.76
C TRP A 339 20.81 -11.49 -35.23
N ASN A 340 19.73 -10.74 -35.35
CA ASN A 340 19.69 -9.41 -34.76
C ASN A 340 18.35 -9.27 -34.05
N ARG A 341 18.18 -8.13 -33.38
CA ARG A 341 17.04 -7.88 -32.51
C ARG A 341 16.24 -6.72 -33.09
N LYS A 342 15.30 -7.05 -33.97
CA LYS A 342 14.55 -6.09 -34.78
C LYS A 342 13.68 -5.18 -33.92
N ARG A 343 14.11 -3.93 -33.82
CA ARG A 343 13.53 -2.95 -32.91
C ARG A 343 12.25 -2.41 -33.55
N ILE A 344 11.12 -3.06 -33.26
CA ILE A 344 9.85 -2.57 -33.77
C ILE A 344 9.30 -1.52 -32.82
N SER A 345 9.22 -0.28 -33.29
CA SER A 345 8.86 0.84 -32.43
C SER A 345 7.39 1.22 -32.59
N ASN A 346 7.12 2.50 -32.82
CA ASN A 346 5.76 3.05 -32.82
C ASN A 346 4.97 2.61 -34.05
N CYS A 347 3.96 1.76 -33.84
CA CYS A 347 3.03 1.34 -34.89
C CYS A 347 1.80 0.76 -34.24
N VAL A 348 0.74 0.61 -35.04
CA VAL A 348 -0.39 -0.24 -34.67
C VAL A 348 -0.25 -1.56 -35.41
N ALA A 349 -0.51 -2.66 -34.71
CA ALA A 349 -0.25 -3.98 -35.26
C ALA A 349 -1.46 -4.87 -35.00
N ASP A 350 -2.11 -5.30 -36.08
CA ASP A 350 -3.17 -6.30 -35.96
C ASP A 350 -2.52 -7.66 -35.81
N TYR A 351 -2.54 -8.20 -34.60
CA TYR A 351 -1.92 -9.49 -34.34
C TYR A 351 -2.80 -10.67 -34.72
N SER A 352 -4.04 -10.43 -35.15
CA SER A 352 -4.90 -11.53 -35.56
C SER A 352 -4.53 -12.07 -36.94
N VAL A 353 -3.95 -11.24 -37.81
CA VAL A 353 -3.53 -11.68 -39.14
C VAL A 353 -2.34 -12.63 -39.06
N LEU A 354 -1.38 -12.34 -38.18
CA LEU A 354 -0.25 -13.23 -37.96
C LEU A 354 -0.65 -14.56 -37.32
N TYR A 355 -1.74 -14.59 -36.55
CA TYR A 355 -2.30 -15.87 -36.14
C TYR A 355 -3.02 -16.53 -37.30
N ASN A 356 -3.85 -15.78 -38.04
CA ASN A 356 -4.67 -16.34 -39.10
C ASN A 356 -4.03 -16.22 -40.48
N SER A 357 -2.70 -16.23 -40.56
CA SER A 357 -2.03 -16.27 -41.85
C SER A 357 -2.04 -17.66 -42.47
N ALA A 358 -2.26 -18.70 -41.65
CA ALA A 358 -2.51 -20.10 -42.03
C ALA A 358 -1.34 -20.74 -42.77
N SER A 359 -0.13 -20.24 -42.59
CA SER A 359 1.07 -20.80 -43.21
C SER A 359 2.10 -21.20 -42.17
N PHE A 360 1.81 -21.02 -40.90
CA PHE A 360 2.78 -21.15 -39.81
C PHE A 360 2.41 -22.37 -38.99
N SER A 361 3.41 -23.20 -38.69
CA SER A 361 3.16 -24.54 -38.18
C SER A 361 3.11 -24.63 -36.67
N THR A 362 3.70 -23.69 -35.93
CA THR A 362 3.74 -23.81 -34.48
C THR A 362 3.66 -22.43 -33.85
N PHE A 363 2.60 -22.21 -33.07
CA PHE A 363 2.48 -21.09 -32.14
C PHE A 363 2.32 -21.64 -30.74
N LYS A 364 3.11 -21.14 -29.80
CA LYS A 364 2.88 -21.46 -28.40
C LYS A 364 3.28 -20.22 -27.58
N CYS A 365 2.26 -19.55 -27.04
CA CYS A 365 2.39 -18.22 -26.48
C CYS A 365 2.36 -18.30 -24.96
N TYR A 366 3.14 -17.44 -24.32
CA TYR A 366 3.69 -17.71 -22.99
C TYR A 366 3.09 -16.72 -21.99
N GLY A 367 1.91 -17.04 -21.46
CA GLY A 367 1.20 -16.16 -20.58
C GLY A 367 0.35 -15.12 -21.29
N VAL A 368 0.36 -15.11 -22.62
CA VAL A 368 -0.48 -14.21 -23.41
C VAL A 368 -1.36 -15.09 -24.30
N SER A 369 -2.64 -14.77 -24.41
CA SER A 369 -3.50 -15.51 -25.31
C SER A 369 -3.19 -15.11 -26.75
N PRO A 370 -3.07 -16.08 -27.67
CA PRO A 370 -2.81 -15.72 -29.07
C PRO A 370 -4.01 -15.12 -29.78
N THR A 371 -5.20 -15.60 -29.42
CA THR A 371 -6.44 -15.15 -30.07
C THR A 371 -6.76 -13.70 -29.71
N LYS A 372 -6.74 -13.37 -28.44
CA LYS A 372 -7.06 -12.03 -27.97
C LYS A 372 -5.78 -11.22 -27.71
N LEU A 373 -4.77 -11.43 -28.54
CA LEU A 373 -3.53 -10.66 -28.44
C LEU A 373 -3.70 -9.24 -28.97
N ASN A 374 -4.70 -9.00 -29.82
CA ASN A 374 -4.91 -7.69 -30.41
C ASN A 374 -5.49 -6.67 -29.43
N ASP A 375 -5.92 -7.09 -28.25
CA ASP A 375 -6.57 -6.22 -27.29
C ASP A 375 -5.56 -5.77 -26.23
N LEU A 376 -4.31 -5.58 -26.64
CA LEU A 376 -3.26 -5.20 -25.73
C LEU A 376 -2.33 -4.17 -26.37
N CYS A 377 -1.52 -3.53 -25.53
CA CYS A 377 -0.48 -2.60 -25.95
C CYS A 377 0.81 -2.95 -25.22
N PHE A 378 1.95 -2.68 -25.87
CA PHE A 378 3.25 -2.88 -25.23
C PHE A 378 4.15 -1.70 -25.57
N THR A 379 5.31 -1.67 -24.93
CA THR A 379 6.23 -0.55 -25.18
C THR A 379 7.09 -0.77 -26.41
N ASN A 380 7.44 -2.02 -26.76
CA ASN A 380 8.19 -2.37 -27.97
C ASN A 380 7.96 -3.84 -28.25
N VAL A 381 8.28 -4.25 -29.48
CA VAL A 381 8.19 -5.64 -29.90
C VAL A 381 9.56 -6.07 -30.40
N TYR A 382 10.11 -7.14 -29.82
CA TYR A 382 11.44 -7.64 -30.13
C TYR A 382 11.31 -8.92 -30.93
N ALA A 383 11.56 -8.86 -32.24
CA ALA A 383 11.51 -10.03 -33.11
C ALA A 383 12.92 -10.50 -33.43
N ASP A 384 13.12 -11.82 -33.45
CA ASP A 384 14.44 -12.43 -33.56
C ASP A 384 14.36 -13.58 -34.55
N SER A 385 14.87 -13.37 -35.76
CA SER A 385 14.75 -14.35 -36.84
C SER A 385 16.00 -15.22 -36.92
N PHE A 386 15.81 -16.53 -36.91
CA PHE A 386 16.88 -17.51 -37.05
C PHE A 386 16.26 -18.81 -37.55
N VAL A 387 17.08 -19.63 -38.21
CA VAL A 387 16.63 -20.88 -38.81
C VAL A 387 17.29 -22.04 -38.07
N ILE A 388 16.48 -23.00 -37.61
CA ILE A 388 16.95 -24.16 -36.87
C ILE A 388 16.38 -25.44 -37.49
N ARG A 389 16.63 -26.56 -36.81
CA ARG A 389 16.21 -27.88 -37.25
C ARG A 389 14.73 -28.11 -37.00
N GLY A 390 14.24 -29.28 -37.41
CA GLY A 390 12.83 -29.60 -37.23
C GLY A 390 12.49 -30.14 -35.87
N ASP A 391 13.49 -30.53 -35.08
CA ASP A 391 13.26 -31.06 -33.74
C ASP A 391 13.67 -30.08 -32.65
N GLU A 392 13.56 -28.77 -32.87
CA GLU A 392 14.18 -27.85 -31.96
C GLU A 392 13.27 -26.75 -31.46
N VAL A 393 12.03 -26.66 -31.97
CA VAL A 393 11.09 -25.73 -31.37
C VAL A 393 10.38 -26.35 -30.19
N ARG A 394 10.60 -27.65 -29.95
CA ARG A 394 10.34 -28.19 -28.62
C ARG A 394 11.43 -27.77 -27.64
N GLN A 395 12.58 -27.32 -28.13
CA GLN A 395 13.68 -26.81 -27.33
C GLN A 395 13.75 -25.29 -27.29
N ILE A 396 13.15 -24.59 -28.26
CA ILE A 396 12.97 -23.14 -28.17
C ILE A 396 11.67 -22.93 -27.41
N ALA A 397 11.80 -22.73 -26.10
CA ALA A 397 10.78 -22.86 -25.07
C ALA A 397 11.48 -22.39 -23.79
N PRO A 398 10.79 -22.04 -22.68
CA PRO A 398 11.55 -21.60 -21.50
C PRO A 398 12.09 -22.77 -20.69
N GLY A 399 13.38 -22.69 -20.36
CA GLY A 399 14.04 -23.63 -19.47
C GLY A 399 14.18 -25.05 -19.99
N GLN A 400 14.66 -25.21 -21.22
CA GLN A 400 14.70 -26.54 -21.80
C GLN A 400 16.08 -27.18 -21.63
N THR A 401 16.16 -28.44 -22.05
CA THR A 401 17.39 -29.22 -22.07
C THR A 401 17.92 -29.33 -23.49
N GLY A 402 19.10 -29.92 -23.62
CA GLY A 402 19.77 -30.05 -24.90
C GLY A 402 20.84 -29.00 -25.10
N LYS A 403 21.71 -29.26 -26.09
CA LYS A 403 22.81 -28.35 -26.36
C LYS A 403 22.33 -27.08 -27.04
N ILE A 404 21.73 -27.21 -28.23
CA ILE A 404 21.40 -26.07 -29.09
C ILE A 404 20.22 -25.25 -28.52
N ALA A 405 19.49 -25.79 -27.54
CA ALA A 405 18.59 -24.97 -26.75
C ALA A 405 19.35 -23.95 -25.90
N ASP A 406 20.37 -24.39 -25.15
CA ASP A 406 21.00 -23.55 -24.15
C ASP A 406 22.32 -22.95 -24.62
N TYR A 407 22.74 -23.25 -25.84
CA TYR A 407 24.02 -22.78 -26.36
C TYR A 407 23.88 -21.89 -27.58
N ASN A 408 22.66 -21.63 -28.06
CA ASN A 408 22.47 -20.94 -29.33
C ASN A 408 21.43 -19.84 -29.18
N TYR A 409 20.28 -20.11 -28.56
CA TYR A 409 19.27 -19.07 -28.38
C TYR A 409 18.50 -19.37 -27.10
N LYS A 410 18.77 -18.62 -26.05
CA LYS A 410 18.18 -18.83 -24.73
C LYS A 410 17.02 -17.86 -24.53
N LEU A 411 15.95 -18.35 -23.91
CA LEU A 411 14.76 -17.63 -23.48
C LEU A 411 14.67 -17.65 -21.96
N PRO A 412 14.15 -16.59 -21.32
CA PRO A 412 13.96 -16.63 -19.87
C PRO A 412 12.78 -17.51 -19.49
N ASP A 413 12.76 -17.93 -18.22
CA ASP A 413 11.71 -18.81 -17.72
C ASP A 413 10.39 -18.08 -17.58
N ASP A 414 10.43 -16.80 -17.19
CA ASP A 414 9.23 -15.98 -17.07
C ASP A 414 9.00 -15.13 -18.33
N PHE A 415 9.11 -15.78 -19.48
CA PHE A 415 8.97 -15.10 -20.76
C PHE A 415 7.51 -14.78 -21.04
N THR A 416 7.27 -13.60 -21.61
CA THR A 416 5.93 -13.19 -22.00
C THR A 416 5.81 -12.99 -23.51
N GLY A 417 5.93 -14.06 -24.30
CA GLY A 417 5.86 -13.91 -25.74
C GLY A 417 5.79 -15.22 -26.50
N CYS A 418 5.45 -15.10 -27.78
CA CYS A 418 5.14 -16.24 -28.62
C CYS A 418 6.37 -16.75 -29.39
N VAL A 419 6.18 -17.89 -30.05
CA VAL A 419 7.19 -18.54 -30.88
C VAL A 419 6.51 -18.90 -32.19
N ILE A 420 7.08 -18.47 -33.30
CA ILE A 420 6.48 -18.60 -34.63
C ILE A 420 7.44 -19.34 -35.54
N ALA A 421 6.99 -20.46 -36.13
CA ALA A 421 7.87 -21.24 -37.01
C ALA A 421 7.07 -21.97 -38.08
N TRP A 422 7.72 -22.25 -39.21
CA TRP A 422 7.13 -22.97 -40.34
C TRP A 422 8.22 -23.58 -41.20
N ASN A 423 7.87 -24.66 -41.90
CA ASN A 423 8.76 -25.34 -42.85
C ASN A 423 9.11 -24.42 -44.01
N SER A 424 10.39 -24.39 -44.37
CA SER A 424 10.87 -23.57 -45.48
C SER A 424 11.84 -24.36 -46.33
N ASN A 425 11.40 -25.56 -46.74
CA ASN A 425 12.25 -26.47 -47.50
C ASN A 425 12.49 -25.97 -48.92
N ASN A 426 11.50 -25.30 -49.50
CA ASN A 426 11.59 -24.81 -50.88
C ASN A 426 12.14 -23.39 -50.96
N LEU A 427 12.57 -22.81 -49.84
CA LEU A 427 13.10 -21.45 -49.88
C LEU A 427 14.45 -21.31 -49.21
N ASP A 428 14.70 -22.06 -48.13
CA ASP A 428 15.94 -21.95 -47.37
C ASP A 428 16.97 -23.00 -47.74
N SER A 429 16.85 -23.63 -48.90
CA SER A 429 17.79 -24.66 -49.31
C SER A 429 18.23 -24.42 -50.74
N LYS A 430 19.45 -24.86 -51.03
CA LYS A 430 19.92 -24.95 -52.41
C LYS A 430 20.41 -26.36 -52.68
N VAL A 431 21.12 -26.57 -53.79
CA VAL A 431 21.63 -27.90 -54.11
C VAL A 431 22.82 -28.19 -53.21
N GLY A 432 22.65 -29.15 -52.31
CA GLY A 432 23.63 -29.43 -51.28
C GLY A 432 23.43 -28.65 -50.00
N GLY A 433 22.50 -27.70 -49.98
CA GLY A 433 22.18 -26.96 -48.78
C GLY A 433 23.10 -25.77 -48.55
N ASN A 434 22.71 -24.97 -47.55
CA ASN A 434 23.46 -23.80 -47.18
C ASN A 434 24.58 -24.19 -46.20
N TYR A 435 25.77 -23.67 -46.45
CA TYR A 435 26.86 -23.70 -45.48
C TYR A 435 26.99 -22.36 -44.75
N ASN A 436 25.95 -21.53 -44.79
CA ASN A 436 25.94 -20.24 -44.10
C ASN A 436 25.27 -20.32 -42.73
N TYR A 437 24.54 -21.40 -42.46
CA TYR A 437 23.77 -21.54 -41.23
C TYR A 437 24.53 -22.44 -40.29
N LEU A 438 24.90 -21.92 -39.13
CA LEU A 438 25.89 -22.57 -38.26
C LEU A 438 25.39 -22.54 -36.82
N TYR A 439 24.90 -23.68 -36.30
CA TYR A 439 24.53 -23.70 -34.89
C TYR A 439 25.77 -23.98 -34.05
N ARG A 440 25.80 -23.44 -32.84
CA ARG A 440 26.90 -23.74 -31.92
C ARG A 440 26.44 -24.80 -30.93
N LEU A 441 27.23 -25.88 -30.81
CA LEU A 441 26.92 -26.96 -29.89
C LEU A 441 27.95 -27.16 -28.79
N PHE A 442 29.14 -26.55 -28.89
CA PHE A 442 30.09 -26.53 -27.79
C PHE A 442 30.37 -25.10 -27.37
N ARG A 443 30.48 -24.89 -26.07
CA ARG A 443 30.78 -23.64 -25.40
C ARG A 443 31.02 -24.02 -23.94
N LYS A 444 31.93 -23.29 -23.27
CA LYS A 444 32.31 -23.64 -21.90
C LYS A 444 31.21 -23.32 -20.91
N SER A 445 30.31 -22.40 -21.26
CA SER A 445 29.24 -22.00 -20.36
C SER A 445 27.91 -21.96 -21.12
N ASN A 446 26.82 -22.02 -20.36
CA ASN A 446 25.48 -21.83 -20.89
C ASN A 446 25.24 -20.35 -21.13
N LEU A 447 24.30 -20.06 -22.03
CA LEU A 447 24.01 -18.66 -22.33
C LEU A 447 23.12 -18.03 -21.27
N LYS A 448 23.22 -16.71 -21.17
CA LYS A 448 22.21 -15.90 -20.53
C LYS A 448 20.98 -15.81 -21.45
N PRO A 449 19.80 -15.47 -20.90
CA PRO A 449 18.63 -15.24 -21.76
C PRO A 449 18.80 -14.10 -22.77
N PHE A 450 18.32 -14.37 -23.99
CA PHE A 450 18.31 -13.50 -25.16
C PHE A 450 19.70 -13.06 -25.60
N GLU A 451 20.72 -13.85 -25.32
CA GLU A 451 22.10 -13.41 -25.49
C GLU A 451 22.64 -13.79 -26.87
N ARG A 452 23.40 -12.88 -27.46
CA ARG A 452 23.99 -13.07 -28.76
C ARG A 452 25.50 -13.21 -28.62
N ASP A 453 26.06 -14.16 -29.37
CA ASP A 453 27.52 -14.37 -29.40
C ASP A 453 27.91 -14.67 -30.84
N ILE A 454 28.39 -13.65 -31.54
CA ILE A 454 28.66 -13.73 -32.97
C ILE A 454 30.13 -14.10 -33.25
N SER A 455 30.77 -14.81 -32.34
CA SER A 455 32.18 -15.16 -32.51
C SER A 455 32.34 -16.31 -33.51
N THR A 456 33.46 -16.29 -34.21
CA THR A 456 33.82 -17.38 -35.11
C THR A 456 35.10 -18.04 -34.63
N GLU A 457 35.10 -18.50 -33.38
CA GLU A 457 36.29 -19.00 -32.73
C GLU A 457 36.30 -20.52 -32.71
N ILE A 458 37.45 -21.10 -33.05
CA ILE A 458 37.67 -22.54 -32.88
C ILE A 458 37.69 -22.88 -31.38
N TYR A 459 37.08 -24.01 -31.03
CA TYR A 459 37.04 -24.48 -29.65
C TYR A 459 37.79 -25.80 -29.51
N GLN A 460 38.28 -26.04 -28.30
CA GLN A 460 39.11 -27.19 -28.00
C GLN A 460 38.29 -28.24 -27.26
N ALA A 461 38.42 -29.49 -27.68
CA ALA A 461 37.71 -30.60 -27.07
C ALA A 461 38.60 -31.52 -26.25
N GLY A 462 39.89 -31.57 -26.56
CA GLY A 462 40.76 -32.51 -25.89
C GLY A 462 42.14 -31.99 -25.53
N SER A 463 43.12 -32.90 -25.50
CA SER A 463 44.46 -32.59 -24.99
C SER A 463 45.25 -31.72 -25.95
N THR A 464 45.21 -32.03 -27.24
CA THR A 464 46.00 -31.28 -28.20
C THR A 464 45.33 -29.94 -28.51
N PRO A 465 46.01 -28.82 -28.34
CA PRO A 465 45.37 -27.51 -28.55
C PRO A 465 45.16 -27.21 -30.02
N CYS A 466 44.24 -26.28 -30.27
CA CYS A 466 43.85 -25.91 -31.63
C CYS A 466 44.64 -24.69 -32.12
N ASN A 467 44.61 -23.61 -31.33
CA ASN A 467 45.39 -22.37 -31.53
C ASN A 467 45.11 -21.69 -32.87
N GLY A 468 43.85 -21.71 -33.29
CA GLY A 468 43.43 -21.08 -34.53
C GLY A 468 43.25 -22.05 -35.68
N VAL A 469 43.89 -23.21 -35.65
CA VAL A 469 43.78 -24.20 -36.71
C VAL A 469 43.15 -25.47 -36.14
N GLU A 470 42.75 -26.35 -37.04
CA GLU A 470 42.15 -27.63 -36.66
C GLU A 470 43.24 -28.67 -36.44
N GLY A 471 42.82 -29.91 -36.22
CA GLY A 471 43.77 -30.99 -35.99
C GLY A 471 43.13 -32.10 -35.20
N PHE A 472 43.98 -32.85 -34.47
CA PHE A 472 43.49 -33.91 -33.62
C PHE A 472 42.80 -33.31 -32.40
N ASN A 473 41.70 -33.97 -31.98
CA ASN A 473 40.64 -33.58 -31.01
C ASN A 473 40.39 -32.07 -30.92
N CYS A 474 40.19 -31.44 -32.08
CA CYS A 474 39.69 -30.08 -32.19
C CYS A 474 38.42 -30.10 -33.01
N TYR A 475 37.33 -29.61 -32.42
CA TYR A 475 36.06 -29.52 -33.10
C TYR A 475 35.74 -28.07 -33.41
N PHE A 476 35.22 -27.82 -34.61
CA PHE A 476 34.80 -26.49 -34.99
C PHE A 476 33.38 -26.35 -34.45
N PRO A 477 33.13 -25.45 -33.49
CA PRO A 477 31.88 -25.54 -32.70
C PRO A 477 30.65 -25.06 -33.44
N LEU A 478 30.81 -24.18 -34.41
CA LEU A 478 29.74 -23.90 -35.36
C LEU A 478 29.55 -25.12 -36.27
N GLN A 479 28.33 -25.43 -36.70
CA GLN A 479 28.07 -26.64 -37.47
CA GLN A 479 28.08 -26.64 -37.47
C GLN A 479 27.08 -26.35 -38.59
N SER A 480 27.51 -26.60 -39.83
CA SER A 480 26.68 -26.33 -41.00
C SER A 480 25.51 -27.30 -41.11
N TYR A 481 24.34 -26.76 -41.45
CA TYR A 481 23.14 -27.57 -41.59
C TYR A 481 23.18 -28.34 -42.90
N GLY A 482 22.46 -29.46 -42.92
CA GLY A 482 22.25 -30.19 -44.15
C GLY A 482 20.84 -29.98 -44.67
N PHE A 483 20.70 -29.16 -45.71
CA PHE A 483 19.38 -28.75 -46.19
C PHE A 483 19.13 -29.37 -47.57
N GLN A 484 18.53 -30.55 -47.58
CA GLN A 484 18.15 -31.20 -48.82
C GLN A 484 16.71 -31.67 -48.73
N PRO A 485 16.01 -31.76 -49.87
CA PRO A 485 14.68 -32.39 -49.87
C PRO A 485 14.71 -33.89 -49.56
N THR A 486 15.84 -34.55 -49.76
CA THR A 486 16.01 -35.93 -49.31
C THR A 486 16.30 -36.04 -47.82
N ASN A 487 16.63 -34.94 -47.15
CA ASN A 487 16.95 -34.98 -45.73
C ASN A 487 15.67 -35.05 -44.90
N GLY A 488 15.86 -35.33 -43.61
CA GLY A 488 14.73 -35.59 -42.74
C GLY A 488 14.00 -34.34 -42.31
N VAL A 489 12.75 -34.56 -41.87
CA VAL A 489 11.86 -33.49 -41.41
C VAL A 489 12.40 -32.89 -40.11
N GLY A 490 13.01 -33.71 -39.26
CA GLY A 490 13.62 -33.23 -38.04
C GLY A 490 14.89 -32.42 -38.23
N TYR A 491 15.46 -32.41 -39.42
CA TYR A 491 16.58 -31.53 -39.77
C TYR A 491 16.22 -30.58 -40.90
N GLN A 492 14.94 -30.44 -41.22
CA GLN A 492 14.48 -29.56 -42.28
C GLN A 492 14.64 -28.09 -41.87
N PRO A 493 14.77 -27.18 -42.85
CA PRO A 493 14.86 -25.74 -42.51
C PRO A 493 13.53 -25.21 -42.01
N TYR A 494 13.61 -24.22 -41.13
CA TYR A 494 12.53 -23.94 -40.17
C TYR A 494 12.91 -22.64 -39.47
N ARG A 495 12.53 -21.50 -40.08
CA ARG A 495 12.89 -20.20 -39.51
C ARG A 495 12.01 -19.95 -38.28
N VAL A 496 12.57 -19.31 -37.27
CA VAL A 496 11.87 -19.03 -36.03
C VAL A 496 11.95 -17.53 -35.78
N VAL A 497 10.81 -16.86 -35.67
CA VAL A 497 10.73 -15.51 -35.13
C VAL A 497 10.08 -15.57 -33.76
N VAL A 498 10.78 -15.07 -32.75
CA VAL A 498 10.30 -15.03 -31.38
C VAL A 498 9.99 -13.59 -31.06
N LEU A 499 8.74 -13.32 -30.67
CA LEU A 499 8.27 -11.96 -30.40
C LEU A 499 8.26 -11.77 -28.90
N SER A 500 9.14 -10.91 -28.40
CA SER A 500 9.20 -10.60 -26.98
C SER A 500 8.36 -9.37 -26.69
N PHE A 501 7.16 -9.56 -26.14
CA PHE A 501 6.31 -8.46 -25.71
C PHE A 501 6.68 -8.12 -24.27
N GLU A 502 7.66 -7.25 -24.10
CA GLU A 502 8.06 -6.80 -22.78
C GLU A 502 7.27 -5.54 -22.41
N LEU A 503 7.12 -5.32 -21.11
CA LEU A 503 6.27 -4.26 -20.56
C LEU A 503 7.11 -3.42 -19.62
N LEU A 504 7.76 -2.41 -20.16
CA LEU A 504 8.60 -1.52 -19.38
C LEU A 504 7.75 -0.38 -18.81
N HIS A 505 8.41 0.54 -18.13
CA HIS A 505 7.75 1.74 -17.61
C HIS A 505 7.85 2.90 -18.59
N ALA A 506 7.70 2.64 -19.88
CA ALA A 506 7.66 3.63 -20.91
C ALA A 506 6.20 3.74 -21.42
N PRO A 507 5.84 4.77 -22.19
CA PRO A 507 4.53 4.75 -22.83
C PRO A 507 4.44 3.69 -23.90
N ALA A 508 3.22 3.24 -24.13
CA ALA A 508 2.97 2.16 -25.08
C ALA A 508 3.13 2.65 -26.50
N THR A 509 4.23 2.26 -27.13
CA THR A 509 4.48 2.65 -28.51
C THR A 509 3.81 1.73 -29.52
N VAL A 510 3.69 0.44 -29.21
CA VAL A 510 3.08 -0.53 -30.11
C VAL A 510 1.75 -0.97 -29.53
N CYS A 511 0.72 -0.98 -30.38
CA CYS A 511 -0.62 -1.34 -29.96
C CYS A 511 -1.31 -2.15 -31.05
N GLY A 512 -2.57 -2.47 -30.80
CA GLY A 512 -3.42 -3.19 -31.72
C GLY A 512 -4.69 -2.44 -31.99
N PRO A 513 -5.56 -2.98 -32.86
CA PRO A 513 -6.77 -2.26 -33.26
C PRO A 513 -7.81 -2.20 -32.17
N LYS A 514 -7.66 -1.19 -31.31
CA LYS A 514 -8.59 -0.88 -30.25
C LYS A 514 -9.10 0.54 -30.47
N LYS A 515 -10.18 0.66 -31.25
CA LYS A 515 -10.76 1.95 -31.59
C LYS A 515 -11.37 2.61 -30.36
N SER A 516 -11.13 3.91 -30.21
CA SER A 516 -11.20 4.53 -28.90
C SER A 516 -12.54 5.22 -28.68
N THR A 517 -13.07 5.03 -27.49
CA THR A 517 -14.24 5.73 -26.99
C THR A 517 -13.78 6.96 -26.21
N ASN A 518 -14.73 7.57 -25.50
CA ASN A 518 -14.48 8.84 -24.84
C ASN A 518 -13.94 8.62 -23.43
N LEU A 519 -14.07 9.65 -22.60
CA LEU A 519 -13.61 9.65 -21.22
C LEU A 519 -14.75 10.25 -20.40
N VAL A 520 -15.57 9.41 -19.78
CA VAL A 520 -16.61 9.91 -18.87
C VAL A 520 -16.15 9.66 -17.43
N LYS A 521 -16.14 10.74 -16.66
CA LYS A 521 -15.60 10.73 -15.31
C LYS A 521 -16.75 10.71 -14.32
N ASN A 522 -16.52 9.94 -13.23
CA ASN A 522 -17.49 9.22 -12.40
C ASN A 522 -18.29 8.20 -13.21
N LYS A 523 -19.33 7.62 -12.59
CA LYS A 523 -20.25 6.62 -13.14
C LYS A 523 -19.49 5.34 -13.51
N CYS A 524 -19.45 4.36 -12.59
CA CYS A 524 -18.48 3.27 -12.69
C CYS A 524 -18.81 2.30 -13.82
N VAL A 525 -17.79 2.06 -14.65
CA VAL A 525 -17.87 1.24 -15.85
C VAL A 525 -16.66 0.32 -15.85
N ASN A 526 -16.57 -0.57 -16.82
CA ASN A 526 -15.35 -1.30 -17.06
C ASN A 526 -14.50 -0.53 -18.07
N PHE A 527 -13.19 -0.60 -17.90
CA PHE A 527 -12.29 0.23 -18.69
C PHE A 527 -11.09 -0.61 -19.13
N ASN A 528 -10.35 -0.07 -20.09
CA ASN A 528 -9.04 -0.59 -20.44
C ASN A 528 -8.07 0.53 -20.83
N PHE A 529 -6.91 0.54 -20.18
CA PHE A 529 -5.90 1.59 -20.29
C PHE A 529 -4.55 0.92 -20.43
N ASN A 530 -3.96 1.00 -21.63
CA ASN A 530 -2.68 0.36 -22.01
C ASN A 530 -2.70 -1.16 -21.76
N GLY A 531 -3.84 -1.79 -22.02
CA GLY A 531 -4.02 -3.19 -21.78
C GLY A 531 -4.46 -3.57 -20.37
N LEU A 532 -4.54 -2.61 -19.45
CA LEU A 532 -4.96 -2.89 -18.08
C LEU A 532 -6.48 -2.84 -18.02
N THR A 533 -7.11 -4.00 -18.18
CA THR A 533 -8.55 -4.10 -18.12
C THR A 533 -9.00 -4.19 -16.67
N GLY A 534 -9.82 -3.23 -16.24
CA GLY A 534 -10.38 -3.24 -14.90
C GLY A 534 -11.79 -2.69 -14.92
N THR A 535 -12.36 -2.54 -13.73
CA THR A 535 -13.69 -1.97 -13.55
C THR A 535 -13.66 -1.09 -12.31
N GLY A 536 -14.14 0.14 -12.44
CA GLY A 536 -14.12 1.05 -11.30
C GLY A 536 -14.73 2.38 -11.69
N VAL A 537 -14.73 3.30 -10.73
CA VAL A 537 -15.24 4.63 -10.95
C VAL A 537 -14.05 5.57 -11.20
N LEU A 538 -14.20 6.41 -12.22
CA LEU A 538 -13.09 7.20 -12.75
C LEU A 538 -13.22 8.63 -12.25
N THR A 539 -12.27 9.08 -11.44
CA THR A 539 -12.35 10.41 -10.87
C THR A 539 -11.15 11.25 -11.29
N GLU A 540 -11.27 12.56 -11.11
CA GLU A 540 -10.12 13.44 -11.23
C GLU A 540 -9.17 13.19 -10.07
N SER A 541 -7.90 13.45 -10.30
CA SER A 541 -6.88 13.05 -9.34
C SER A 541 -6.11 14.25 -8.81
N ASN A 542 -5.51 14.07 -7.64
CA ASN A 542 -4.63 15.06 -7.04
C ASN A 542 -3.19 14.56 -6.94
N LYS A 543 -2.80 13.67 -7.85
CA LYS A 543 -1.65 12.81 -7.64
C LYS A 543 -0.61 13.01 -8.74
N LYS A 544 0.66 12.97 -8.35
CA LYS A 544 1.75 13.42 -9.20
C LYS A 544 2.68 12.26 -9.55
N PHE A 545 3.09 12.20 -10.82
CA PHE A 545 3.82 11.09 -11.39
C PHE A 545 5.27 11.49 -11.71
N LEU A 546 5.79 10.91 -12.79
CA LEU A 546 7.07 10.94 -13.48
C LEU A 546 6.87 11.24 -14.96
N PRO A 547 7.95 11.41 -15.74
CA PRO A 547 7.79 11.50 -17.20
C PRO A 547 7.10 10.33 -17.89
N PHE A 548 7.32 9.08 -17.49
CA PHE A 548 6.76 7.98 -18.27
C PHE A 548 5.99 6.96 -17.44
N GLN A 549 5.54 7.31 -16.25
CA GLN A 549 4.79 6.38 -15.42
C GLN A 549 3.35 6.27 -15.91
N GLN A 550 3.06 5.22 -16.68
CA GLN A 550 1.69 4.96 -17.11
C GLN A 550 0.82 4.35 -16.03
N PHE A 551 1.40 3.64 -15.05
CA PHE A 551 0.61 2.93 -14.05
C PHE A 551 1.11 3.27 -12.66
N GLY A 552 0.19 3.66 -11.78
CA GLY A 552 0.49 3.76 -10.36
C GLY A 552 -0.14 2.61 -9.60
N ARG A 553 0.61 1.99 -8.69
CA ARG A 553 0.19 0.74 -8.10
C ARG A 553 -0.39 0.97 -6.70
N ASP A 554 -0.20 -0.02 -5.82
CA ASP A 554 -0.83 -0.06 -4.51
C ASP A 554 0.14 -0.76 -3.57
N ILE A 555 -0.23 -0.84 -2.29
CA ILE A 555 0.55 -1.58 -1.30
C ILE A 555 0.50 -3.07 -1.61
N ALA A 556 -0.70 -3.60 -1.83
CA ALA A 556 -0.88 -4.99 -2.24
C ALA A 556 -1.06 -5.11 -3.74
N ASP A 557 -0.16 -4.43 -4.48
CA ASP A 557 0.11 -4.33 -5.91
C ASP A 557 -1.11 -4.42 -6.83
N THR A 558 -2.20 -3.75 -6.47
CA THR A 558 -3.30 -3.58 -7.40
C THR A 558 -3.11 -2.27 -8.14
N THR A 559 -4.20 -1.64 -8.56
CA THR A 559 -4.15 -0.39 -9.30
C THR A 559 -4.84 0.69 -8.48
N ASP A 560 -4.16 1.84 -8.31
CA ASP A 560 -4.77 3.01 -7.70
C ASP A 560 -4.95 4.19 -8.65
N ALA A 561 -4.03 4.40 -9.59
CA ALA A 561 -4.10 5.55 -10.48
C ALA A 561 -3.44 5.20 -11.80
N VAL A 562 -4.04 5.66 -12.90
CA VAL A 562 -3.54 5.36 -14.25
C VAL A 562 -3.35 6.67 -15.00
N ARG A 563 -2.16 6.87 -15.58
CA ARG A 563 -1.97 7.92 -16.58
C ARG A 563 -2.81 7.63 -17.82
N ASP A 564 -3.53 8.66 -18.29
CA ASP A 564 -4.30 8.55 -19.51
C ASP A 564 -3.34 8.42 -20.69
N PRO A 565 -3.57 7.49 -21.61
CA PRO A 565 -2.62 7.30 -22.73
C PRO A 565 -2.66 8.41 -23.76
N GLN A 566 -3.75 9.15 -23.86
CA GLN A 566 -3.85 10.21 -24.87
C GLN A 566 -3.40 11.55 -24.34
N THR A 567 -4.17 12.12 -23.42
CA THR A 567 -4.01 13.51 -22.99
C THR A 567 -2.98 13.69 -21.90
N LEU A 568 -2.37 12.58 -21.42
CA LEU A 568 -1.35 12.53 -20.36
C LEU A 568 -1.87 13.14 -19.06
N GLU A 569 -3.15 12.93 -18.79
CA GLU A 569 -3.82 13.48 -17.63
C GLU A 569 -3.82 12.47 -16.50
N ILE A 570 -3.64 12.96 -15.28
CA ILE A 570 -3.72 12.11 -14.10
C ILE A 570 -5.15 11.66 -13.87
N LEU A 571 -5.33 10.39 -13.55
CA LEU A 571 -6.63 9.85 -13.18
C LEU A 571 -6.50 9.11 -11.86
N ASP A 572 -7.62 8.59 -11.38
CA ASP A 572 -7.67 7.89 -10.10
C ASP A 572 -8.72 6.81 -10.21
N ILE A 573 -8.37 5.60 -9.80
CA ILE A 573 -9.31 4.49 -9.73
C ILE A 573 -9.58 4.17 -8.27
N THR A 574 -10.86 3.92 -7.98
CA THR A 574 -11.44 3.47 -6.72
C THR A 574 -12.59 2.55 -7.09
N PRO A 575 -12.88 1.54 -6.27
CA PRO A 575 -14.04 0.69 -6.54
C PRO A 575 -15.35 1.41 -6.32
N CYS A 576 -16.38 0.92 -6.98
CA CYS A 576 -17.74 1.38 -6.75
C CYS A 576 -18.55 0.27 -6.09
N SER A 577 -19.87 0.48 -6.07
CA SER A 577 -20.91 -0.50 -5.70
C SER A 577 -20.85 -0.92 -4.23
N PHE A 578 -20.20 -0.10 -3.40
CA PHE A 578 -20.12 -0.44 -1.98
C PHE A 578 -19.97 0.84 -1.16
N GLY A 579 -20.39 0.83 0.10
CA GLY A 579 -20.13 1.93 0.99
C GLY A 579 -19.71 1.47 2.38
N GLY A 580 -20.35 0.41 2.87
CA GLY A 580 -20.08 -0.13 4.19
C GLY A 580 -21.33 -0.45 4.98
N VAL A 581 -22.31 -1.08 4.33
CA VAL A 581 -23.69 -1.12 4.78
C VAL A 581 -23.87 -2.13 5.92
N SER A 582 -24.67 -1.74 6.92
CA SER A 582 -25.09 -2.64 7.98
C SER A 582 -26.50 -2.21 8.38
N VAL A 583 -27.51 -2.83 7.78
CA VAL A 583 -28.90 -2.42 7.98
C VAL A 583 -29.40 -2.84 9.34
N ILE A 584 -29.77 -1.85 10.17
CA ILE A 584 -30.39 -2.18 11.44
C ILE A 584 -31.88 -2.33 11.24
N THR A 585 -32.49 -3.28 11.96
CA THR A 585 -33.89 -3.59 11.75
C THR A 585 -34.51 -4.09 13.05
N PRO A 586 -35.80 -3.84 13.27
CA PRO A 586 -36.49 -4.46 14.40
C PRO A 586 -37.10 -5.82 14.11
N GLY A 587 -36.79 -6.41 12.97
CA GLY A 587 -37.39 -7.68 12.61
C GLY A 587 -38.67 -7.50 11.83
N THR A 588 -38.97 -8.49 10.97
CA THR A 588 -40.18 -8.43 10.17
C THR A 588 -41.42 -8.86 10.94
N ASN A 589 -41.26 -9.38 12.17
CA ASN A 589 -42.40 -9.59 13.04
C ASN A 589 -43.03 -8.27 13.45
N THR A 590 -42.20 -7.26 13.69
CA THR A 590 -42.73 -5.94 14.03
C THR A 590 -43.20 -5.19 12.80
N SER A 591 -42.28 -4.58 12.05
CA SER A 591 -42.65 -3.80 10.88
C SER A 591 -41.53 -3.92 9.84
N ASN A 592 -41.73 -3.24 8.72
CA ASN A 592 -40.76 -3.22 7.64
C ASN A 592 -39.94 -1.94 7.61
N GLN A 593 -40.10 -1.07 8.61
CA GLN A 593 -39.31 0.16 8.69
C GLN A 593 -37.92 -0.17 9.20
N VAL A 594 -36.89 0.17 8.42
CA VAL A 594 -35.51 -0.15 8.75
C VAL A 594 -34.69 1.13 8.74
N ALA A 595 -33.41 0.98 9.06
CA ALA A 595 -32.43 2.05 8.95
C ALA A 595 -31.08 1.43 8.62
N VAL A 596 -30.18 2.24 8.10
CA VAL A 596 -28.92 1.76 7.54
C VAL A 596 -27.76 2.29 8.38
N LEU A 597 -26.56 1.79 8.08
CA LEU A 597 -25.33 2.26 8.71
C LEU A 597 -24.21 2.14 7.69
N TYR A 598 -23.78 3.26 7.16
CA TYR A 598 -22.58 3.31 6.34
C TYR A 598 -21.40 3.50 7.28
N GLN A 599 -20.22 3.02 6.90
CA GLN A 599 -19.24 2.87 7.95
C GLN A 599 -18.28 4.06 8.03
N ASP A 600 -17.67 4.46 6.92
CA ASP A 600 -16.73 5.56 6.94
C ASP A 600 -17.21 6.74 6.11
N VAL A 601 -18.49 6.80 5.87
CA VAL A 601 -19.08 7.82 5.01
C VAL A 601 -19.78 8.84 5.90
N ASN A 602 -19.36 10.10 5.81
CA ASN A 602 -19.65 11.10 6.85
C ASN A 602 -20.84 12.01 6.50
N CYS A 603 -21.60 11.61 5.47
CA CYS A 603 -22.92 12.08 5.02
C CYS A 603 -23.14 13.58 4.94
N THR A 604 -22.14 14.32 4.46
CA THR A 604 -22.33 15.69 4.03
C THR A 604 -22.66 15.79 2.55
N GLU A 605 -23.71 15.08 2.11
CA GLU A 605 -24.08 14.70 0.74
C GLU A 605 -22.95 13.96 0.04
N VAL A 606 -22.14 13.20 0.77
CA VAL A 606 -21.16 12.33 0.13
C VAL A 606 -21.68 10.94 -0.26
N PRO A 607 -22.69 10.30 0.41
CA PRO A 607 -23.18 9.04 -0.19
C PRO A 607 -24.18 9.22 -1.32
N VAL A 608 -24.33 10.42 -1.86
CA VAL A 608 -24.78 10.58 -3.23
C VAL A 608 -23.71 10.04 -4.18
N ALA A 609 -22.43 10.21 -3.81
CA ALA A 609 -21.30 9.82 -4.62
C ALA A 609 -20.69 8.48 -4.19
N ILE A 610 -20.78 8.13 -2.90
CA ILE A 610 -20.21 6.87 -2.42
C ILE A 610 -21.08 5.70 -2.87
N HIS A 611 -22.23 5.54 -2.23
CA HIS A 611 -23.40 4.90 -2.82
C HIS A 611 -23.70 5.64 -4.11
N ALA A 612 -23.35 5.04 -5.25
CA ALA A 612 -23.49 5.72 -6.53
C ALA A 612 -24.96 5.82 -6.91
N ASP A 613 -25.53 7.02 -6.74
CA ASP A 613 -26.96 7.26 -6.78
C ASP A 613 -27.56 7.16 -8.18
N GLN A 614 -27.52 5.98 -8.78
CA GLN A 614 -28.36 5.68 -9.93
C GLN A 614 -29.26 4.49 -9.66
N LEU A 615 -29.45 4.13 -8.39
CA LEU A 615 -30.30 3.01 -8.03
C LEU A 615 -31.78 3.33 -8.20
N THR A 616 -32.62 2.31 -8.07
CA THR A 616 -34.04 2.48 -8.13
C THR A 616 -34.53 3.21 -6.88
N PRO A 617 -35.68 3.91 -6.97
CA PRO A 617 -36.30 4.47 -5.75
C PRO A 617 -36.77 3.42 -4.75
N THR A 618 -37.09 3.92 -3.55
CA THR A 618 -37.12 3.25 -2.23
C THR A 618 -35.74 2.74 -1.79
N TRP A 619 -34.66 3.25 -2.38
CA TRP A 619 -33.38 3.31 -1.71
C TRP A 619 -32.93 4.74 -1.46
N ARG A 620 -33.23 5.67 -2.38
CA ARG A 620 -32.78 7.06 -2.29
C ARG A 620 -33.41 7.84 -1.13
N VAL A 621 -34.50 7.31 -0.55
CA VAL A 621 -35.01 7.83 0.72
C VAL A 621 -33.98 7.61 1.82
N TYR A 622 -33.32 6.46 1.81
CA TYR A 622 -32.39 6.11 2.87
C TYR A 622 -30.95 6.39 2.47
N SER A 623 -30.74 7.46 1.70
CA SER A 623 -29.42 7.90 1.31
C SER A 623 -29.14 9.33 1.75
N THR A 624 -29.93 10.29 1.28
CA THR A 624 -29.81 11.67 1.72
C THR A 624 -31.21 12.27 1.77
N GLY A 625 -31.59 12.77 2.95
CA GLY A 625 -32.85 13.47 3.12
C GLY A 625 -32.93 14.06 4.50
N SER A 626 -34.00 13.77 5.22
CA SER A 626 -34.06 14.07 6.63
C SER A 626 -33.46 12.89 7.41
N ASN A 627 -33.50 13.03 8.75
CA ASN A 627 -33.03 12.02 9.73
C ASN A 627 -31.55 11.67 9.55
N VAL A 628 -30.76 12.68 9.20
CA VAL A 628 -29.32 12.55 9.01
C VAL A 628 -28.69 12.52 10.40
N PHE A 629 -27.81 11.56 10.63
CA PHE A 629 -27.19 11.35 11.93
C PHE A 629 -25.71 11.10 11.66
N GLN A 630 -24.84 11.86 12.32
CA GLN A 630 -23.40 11.71 12.21
C GLN A 630 -22.91 10.96 13.44
N THR A 631 -22.11 9.92 13.23
CA THR A 631 -21.61 9.07 14.29
C THR A 631 -20.15 8.76 13.94
N ARG A 632 -19.33 8.44 14.95
CA ARG A 632 -17.98 7.95 14.74
C ARG A 632 -17.94 6.66 13.90
N ALA A 633 -18.99 5.83 13.97
CA ALA A 633 -19.14 4.67 13.10
C ALA A 633 -19.78 5.00 11.76
N GLY A 634 -19.85 6.26 11.38
CA GLY A 634 -20.49 6.63 10.14
C GLY A 634 -21.98 6.78 10.27
N CYS A 635 -22.58 7.14 9.15
CA CYS A 635 -23.89 7.77 9.21
C CYS A 635 -25.03 6.76 9.18
N LEU A 636 -26.07 7.10 9.94
CA LEU A 636 -27.27 6.31 10.09
C LEU A 636 -28.47 7.13 9.65
N ILE A 637 -28.99 6.83 8.47
CA ILE A 637 -30.12 7.61 7.97
C ILE A 637 -31.33 6.69 7.80
N GLY A 638 -32.51 7.19 8.18
CA GLY A 638 -33.70 6.39 8.23
C GLY A 638 -34.21 6.13 9.63
N ALA A 639 -33.71 6.81 10.66
CA ALA A 639 -34.20 6.59 12.01
C ALA A 639 -34.13 7.89 12.81
N GLU A 640 -34.76 7.85 13.98
CA GLU A 640 -34.85 8.98 14.87
C GLU A 640 -33.50 9.25 15.55
N HIS A 641 -33.36 10.48 16.05
CA HIS A 641 -32.29 10.82 16.97
C HIS A 641 -32.90 11.48 18.19
N VAL A 642 -32.60 10.95 19.37
CA VAL A 642 -33.28 11.34 20.60
C VAL A 642 -32.22 11.80 21.60
N ASN A 643 -32.40 12.98 22.16
CA ASN A 643 -31.44 13.58 23.09
C ASN A 643 -31.39 12.88 24.44
N ASN A 644 -32.40 12.07 24.78
CA ASN A 644 -32.40 11.31 26.01
C ASN A 644 -31.56 10.04 25.87
N SER A 645 -31.44 9.29 26.94
CA SER A 645 -30.73 8.02 26.94
C SER A 645 -31.66 6.93 27.45
N TYR A 646 -31.51 5.74 26.88
CA TYR A 646 -32.42 4.64 27.17
C TYR A 646 -31.60 3.37 27.37
N GLU A 647 -32.15 2.25 26.92
CA GLU A 647 -31.50 0.96 26.99
C GLU A 647 -31.05 0.50 25.60
N CYS A 648 -30.26 -0.55 25.57
CA CYS A 648 -29.79 -1.14 24.32
C CYS A 648 -30.52 -2.46 24.09
N ASP A 649 -31.14 -2.58 22.94
CA ASP A 649 -31.61 -3.90 22.51
C ASP A 649 -31.06 -4.29 21.16
N ILE A 650 -30.76 -3.33 20.29
CA ILE A 650 -30.06 -3.56 19.05
C ILE A 650 -28.81 -2.67 19.04
N PRO A 651 -27.64 -3.24 19.34
CA PRO A 651 -26.41 -2.45 19.34
C PRO A 651 -25.96 -2.12 17.94
N ILE A 652 -25.36 -0.94 17.76
CA ILE A 652 -24.97 -0.45 16.45
C ILE A 652 -23.46 -0.28 16.33
N GLY A 653 -22.86 0.51 17.22
CA GLY A 653 -21.43 0.73 17.19
C GLY A 653 -21.11 2.19 17.38
N ALA A 654 -19.96 2.45 18.04
CA ALA A 654 -19.47 3.78 18.46
C ALA A 654 -20.50 4.53 19.31
N GLY A 655 -20.98 3.86 20.35
CA GLY A 655 -21.72 4.50 21.40
C GLY A 655 -23.16 4.84 21.09
N ILE A 656 -23.72 4.36 19.98
CA ILE A 656 -25.13 4.60 19.70
C ILE A 656 -25.89 3.28 19.76
N CYS A 657 -27.18 3.39 20.06
CA CYS A 657 -28.10 2.26 20.10
C CYS A 657 -29.46 2.75 19.67
N ALA A 658 -30.14 1.95 18.86
CA ALA A 658 -31.49 2.25 18.44
C ALA A 658 -32.44 1.29 19.13
N SER A 659 -33.71 1.33 18.74
CA SER A 659 -34.76 0.45 19.27
C SER A 659 -35.92 0.47 18.28
N TYR A 660 -37.14 0.34 18.80
CA TYR A 660 -38.36 0.48 18.01
C TYR A 660 -39.46 0.94 18.94
N GLN A 661 -39.93 2.16 18.76
CA GLN A 661 -40.92 2.78 19.64
C GLN A 661 -42.21 3.00 18.87
N THR A 662 -43.33 2.66 19.50
CA THR A 662 -44.64 2.94 18.94
C THR A 662 -45.39 3.92 19.83
N THR B 40 7.01 -8.76 60.47
CA THR B 40 6.78 -7.54 61.24
C THR B 40 6.05 -6.51 60.41
N ASN B 41 5.94 -6.78 59.11
CA ASN B 41 5.34 -5.84 58.17
C ASN B 41 4.84 -6.62 56.97
N PHE B 42 4.32 -5.89 55.98
CA PHE B 42 3.80 -6.49 54.76
C PHE B 42 3.98 -5.52 53.62
N THR B 43 3.95 -6.05 52.41
CA THR B 43 4.05 -5.25 51.19
C THR B 43 2.77 -5.37 50.39
N ILE B 44 2.41 -4.31 49.68
CA ILE B 44 1.23 -4.31 48.82
C ILE B 44 1.76 -4.03 47.42
N SER B 45 2.54 -4.99 46.91
CA SER B 45 3.25 -4.84 45.65
C SER B 45 2.25 -4.97 44.50
N VAL B 46 1.64 -3.86 44.13
CA VAL B 46 0.60 -3.83 43.11
C VAL B 46 1.25 -3.90 41.74
N THR B 47 0.70 -4.74 40.87
CA THR B 47 1.29 -5.03 39.57
C THR B 47 0.27 -4.84 38.47
N THR B 48 0.78 -4.60 37.27
CA THR B 48 -0.04 -4.67 36.07
C THR B 48 -0.35 -6.13 35.76
N GLU B 49 -1.62 -6.51 35.89
CA GLU B 49 -2.10 -7.79 35.39
C GLU B 49 -2.77 -7.48 34.06
N ILE B 50 -1.99 -7.42 33.01
CA ILE B 50 -2.46 -7.04 31.69
C ILE B 50 -3.13 -8.27 31.06
N LEU B 51 -4.41 -8.14 30.76
CA LEU B 51 -5.18 -9.19 30.10
C LEU B 51 -6.00 -8.60 28.96
N PRO B 52 -6.08 -9.26 27.84
CA PRO B 52 -6.85 -8.68 26.73
C PRO B 52 -8.34 -8.92 26.81
N VAL B 53 -9.08 -7.81 26.82
CA VAL B 53 -10.53 -7.85 26.62
C VAL B 53 -10.87 -8.25 25.19
N SER B 54 -10.32 -7.55 24.21
CA SER B 54 -10.78 -7.70 22.85
C SER B 54 -9.60 -7.71 21.91
N MET B 55 -9.91 -7.81 20.65
CA MET B 55 -8.94 -7.64 19.59
C MET B 55 -9.35 -6.44 18.77
N THR B 56 -8.65 -6.25 17.66
CA THR B 56 -9.10 -5.28 16.69
C THR B 56 -10.32 -5.84 15.98
N LYS B 57 -11.45 -5.12 16.07
CA LYS B 57 -12.71 -5.50 15.45
C LYS B 57 -12.55 -5.46 13.94
N THR B 58 -12.12 -6.58 13.40
CA THR B 58 -11.85 -6.68 11.97
C THR B 58 -13.08 -7.11 11.22
N SER B 59 -13.03 -6.89 9.91
CA SER B 59 -14.10 -7.24 8.99
C SER B 59 -13.47 -7.22 7.61
N VAL B 60 -13.24 -8.40 7.04
CA VAL B 60 -12.84 -8.45 5.64
C VAL B 60 -14.11 -8.64 4.83
N ASP B 61 -14.20 -7.93 3.72
CA ASP B 61 -15.22 -8.25 2.74
C ASP B 61 -14.63 -9.29 1.82
N CYS B 62 -15.28 -10.46 1.72
CA CYS B 62 -14.66 -11.60 1.07
C CYS B 62 -14.61 -11.43 -0.44
N THR B 63 -15.70 -10.88 -1.00
CA THR B 63 -15.91 -10.87 -2.45
C THR B 63 -14.95 -9.91 -3.12
N MET B 64 -14.59 -8.82 -2.46
CA MET B 64 -13.73 -7.83 -3.07
C MET B 64 -12.35 -7.77 -2.42
N TYR B 65 -12.07 -8.63 -1.43
CA TYR B 65 -10.68 -9.03 -1.19
C TYR B 65 -10.23 -10.03 -2.23
N ILE B 66 -11.03 -11.08 -2.45
CA ILE B 66 -10.64 -12.12 -3.39
C ILE B 66 -10.77 -11.65 -4.82
N CYS B 67 -11.90 -11.06 -5.17
CA CYS B 67 -12.17 -10.60 -6.52
C CYS B 67 -12.57 -9.13 -6.51
N GLY B 68 -11.63 -8.27 -6.14
CA GLY B 68 -11.88 -6.84 -6.22
C GLY B 68 -11.84 -6.37 -7.66
N ASP B 69 -12.74 -5.41 -7.96
CA ASP B 69 -12.84 -4.70 -9.24
C ASP B 69 -13.10 -5.64 -10.43
N SER B 70 -13.87 -6.70 -10.19
CA SER B 70 -14.17 -7.65 -11.25
C SER B 70 -15.53 -8.29 -10.97
N THR B 71 -16.38 -8.33 -11.99
CA THR B 71 -17.68 -8.98 -11.88
C THR B 71 -17.59 -10.45 -12.25
N GLU B 72 -16.68 -10.77 -13.19
CA GLU B 72 -16.46 -12.15 -13.62
C GLU B 72 -15.90 -13.01 -12.50
N CYS B 73 -15.01 -12.43 -11.69
CA CYS B 73 -14.48 -13.13 -10.54
C CYS B 73 -15.53 -13.31 -9.45
N SER B 74 -16.48 -12.37 -9.33
CA SER B 74 -17.58 -12.55 -8.38
C SER B 74 -18.52 -13.65 -8.83
N ASN B 75 -18.70 -13.80 -10.15
CA ASN B 75 -19.47 -14.92 -10.65
C ASN B 75 -18.72 -16.25 -10.48
N LEU B 76 -17.39 -16.22 -10.51
CA LEU B 76 -16.65 -17.45 -10.24
C LEU B 76 -16.63 -17.79 -8.76
N LEU B 77 -16.74 -16.80 -7.88
CA LEU B 77 -16.91 -17.09 -6.47
C LEU B 77 -18.36 -17.48 -6.14
N LEU B 78 -19.31 -17.17 -7.02
CA LEU B 78 -20.66 -17.70 -6.85
C LEU B 78 -20.75 -19.19 -7.18
N GLN B 79 -19.89 -19.71 -8.06
CA GLN B 79 -19.79 -21.15 -8.26
C GLN B 79 -19.21 -21.83 -7.03
N TYR B 80 -18.28 -21.15 -6.34
CA TYR B 80 -17.96 -21.53 -4.97
C TYR B 80 -19.17 -21.34 -4.07
N GLY B 81 -19.63 -20.10 -3.94
CA GLY B 81 -20.95 -19.85 -3.36
C GLY B 81 -20.85 -19.37 -1.91
N SER B 82 -21.17 -20.27 -0.97
CA SER B 82 -21.24 -19.93 0.45
C SER B 82 -19.93 -20.17 1.18
N PHE B 83 -18.79 -20.05 0.49
CA PHE B 83 -17.50 -20.27 1.16
C PHE B 83 -16.79 -18.99 1.58
N CYS B 84 -17.42 -17.81 1.52
CA CYS B 84 -16.75 -16.67 2.15
C CYS B 84 -17.70 -15.82 2.97
N THR B 85 -18.99 -15.80 2.60
CA THR B 85 -19.99 -15.03 3.35
C THR B 85 -20.15 -15.59 4.75
N GLN B 86 -20.11 -16.93 4.86
CA GLN B 86 -20.01 -17.62 6.14
C GLN B 86 -18.78 -17.17 6.90
N LEU B 87 -17.64 -16.98 6.19
CA LEU B 87 -16.44 -16.41 6.79
C LEU B 87 -16.69 -15.02 7.34
N ASN B 88 -17.43 -14.18 6.57
CA ASN B 88 -17.84 -12.86 7.06
C ASN B 88 -18.75 -13.00 8.26
N ARG B 89 -19.65 -14.00 8.20
CA ARG B 89 -20.54 -14.32 9.30
C ARG B 89 -19.76 -14.78 10.52
N ALA B 90 -18.67 -15.53 10.27
CA ALA B 90 -17.77 -15.97 11.33
C ALA B 90 -17.11 -14.79 12.00
N LEU B 91 -16.65 -13.84 11.19
CA LEU B 91 -16.01 -12.65 11.75
C LEU B 91 -17.04 -11.73 12.38
N THR B 92 -18.28 -11.78 11.87
CA THR B 92 -19.39 -11.03 12.45
C THR B 92 -19.64 -11.52 13.86
N GLY B 93 -19.62 -12.86 14.04
CA GLY B 93 -19.81 -13.44 15.36
C GLY B 93 -18.66 -13.11 16.27
N ILE B 94 -17.44 -13.07 15.69
CA ILE B 94 -16.22 -12.71 16.41
C ILE B 94 -16.32 -11.28 16.89
N ALA B 95 -16.86 -10.40 16.02
CA ALA B 95 -16.98 -8.98 16.32
C ALA B 95 -17.94 -8.74 17.48
N VAL B 96 -19.03 -9.51 17.53
CA VAL B 96 -20.05 -9.34 18.54
C VAL B 96 -19.53 -9.74 19.91
N GLU B 97 -18.63 -10.74 19.93
CA GLU B 97 -18.20 -11.21 21.24
C GLU B 97 -17.17 -10.29 21.85
N GLN B 98 -16.53 -9.43 21.03
CA GLN B 98 -15.65 -8.41 21.61
C GLN B 98 -16.45 -7.40 22.40
N ASP B 99 -17.66 -7.09 21.92
CA ASP B 99 -18.59 -6.22 22.62
C ASP B 99 -18.99 -6.84 23.96
N LYS B 100 -19.20 -8.17 23.96
CA LYS B 100 -19.59 -8.84 25.19
C LYS B 100 -18.43 -8.93 26.14
N ASN B 101 -17.20 -8.92 25.61
CA ASN B 101 -16.03 -8.94 26.47
C ASN B 101 -15.81 -7.61 27.17
N THR B 102 -16.38 -6.52 26.65
CA THR B 102 -16.41 -5.31 27.44
C THR B 102 -17.46 -5.42 28.54
N GLN B 103 -18.63 -5.95 28.18
CA GLN B 103 -19.81 -5.85 29.03
C GLN B 103 -19.73 -6.76 30.25
N GLU B 104 -18.97 -7.85 30.15
CA GLU B 104 -18.76 -8.69 31.31
C GLU B 104 -17.75 -8.10 32.27
N VAL B 105 -16.90 -7.19 31.83
CA VAL B 105 -15.86 -6.64 32.69
C VAL B 105 -16.27 -5.30 33.29
N PHE B 106 -16.55 -4.32 32.43
CA PHE B 106 -16.76 -2.96 32.92
C PHE B 106 -18.20 -2.69 33.30
N ALA B 107 -19.15 -3.37 32.65
CA ALA B 107 -20.58 -3.12 32.88
C ALA B 107 -21.19 -4.13 33.83
N GLN B 108 -20.45 -4.50 34.86
CA GLN B 108 -20.99 -5.39 35.89
C GLN B 108 -22.05 -4.70 36.71
N VAL B 109 -21.80 -3.45 37.10
CA VAL B 109 -22.76 -2.69 37.89
C VAL B 109 -23.92 -2.26 37.00
N LYS B 110 -25.09 -2.10 37.62
CA LYS B 110 -26.30 -1.81 36.87
C LYS B 110 -26.54 -0.32 36.67
N GLN B 111 -25.78 0.54 37.35
CA GLN B 111 -25.99 1.97 37.26
C GLN B 111 -24.70 2.69 36.95
N ILE B 112 -24.77 3.64 36.01
CA ILE B 112 -23.60 4.45 35.62
C ILE B 112 -23.49 5.55 36.66
N TYR B 113 -22.80 5.24 37.75
CA TYR B 113 -22.71 6.22 38.81
C TYR B 113 -21.46 7.07 38.63
N LYS B 114 -21.53 8.30 39.10
CA LYS B 114 -20.39 9.20 39.13
C LYS B 114 -19.75 9.16 40.51
N THR B 115 -18.50 9.60 40.57
CA THR B 115 -17.86 9.82 41.84
C THR B 115 -18.47 11.06 42.51
N PRO B 116 -18.50 11.11 43.84
CA PRO B 116 -18.85 12.37 44.52
C PRO B 116 -17.80 13.44 44.25
N PRO B 117 -18.22 14.70 44.11
CA PRO B 117 -17.32 15.72 43.53
C PRO B 117 -16.21 16.17 44.47
N ILE B 118 -16.40 16.06 45.77
CA ILE B 118 -15.29 16.26 46.70
C ILE B 118 -14.45 14.99 46.68
N LYS B 119 -13.14 15.15 46.80
CA LYS B 119 -12.22 14.02 46.78
C LYS B 119 -11.66 13.75 48.17
N ASP B 120 -12.59 13.49 49.10
CA ASP B 120 -12.26 13.24 50.50
C ASP B 120 -12.09 11.74 50.76
N PHE B 121 -11.18 11.15 49.99
CA PHE B 121 -10.92 9.72 50.04
C PHE B 121 -10.03 9.31 51.21
N GLY B 122 -9.40 10.26 51.88
CA GLY B 122 -8.60 9.95 53.06
C GLY B 122 -7.10 10.02 52.80
N GLY B 123 -6.67 11.04 52.07
CA GLY B 123 -5.30 11.13 51.61
C GLY B 123 -4.97 10.28 50.41
N PHE B 124 -5.97 9.64 49.81
CA PHE B 124 -5.76 8.73 48.69
C PHE B 124 -5.80 9.53 47.41
N ASN B 125 -4.81 9.33 46.54
CA ASN B 125 -4.80 10.04 45.27
C ASN B 125 -5.48 9.17 44.21
N PHE B 126 -6.80 9.03 44.40
CA PHE B 126 -7.63 8.27 43.48
C PHE B 126 -7.90 9.01 42.18
N SER B 127 -7.56 10.30 42.09
CA SER B 127 -7.58 11.01 40.82
C SER B 127 -6.48 10.52 39.87
N GLN B 128 -5.46 9.82 40.39
CA GLN B 128 -4.51 9.12 39.53
C GLN B 128 -5.12 7.90 38.85
N ILE B 129 -6.26 7.40 39.34
CA ILE B 129 -7.00 6.36 38.64
C ILE B 129 -8.42 6.77 38.26
N LEU B 130 -9.00 7.90 38.90
CA LEU B 130 -10.31 8.33 38.43
C LEU B 130 -10.19 9.09 37.11
N PRO B 131 -11.24 9.02 36.29
CA PRO B 131 -11.35 9.91 35.12
C PRO B 131 -11.38 11.38 35.52
N ASP B 132 -10.72 12.21 34.71
CA ASP B 132 -10.60 13.63 34.95
C ASP B 132 -11.43 14.38 33.92
N PRO B 133 -12.44 15.16 34.34
CA PRO B 133 -13.22 15.95 33.36
C PRO B 133 -12.47 17.14 32.78
N SER B 134 -11.33 17.53 33.37
CA SER B 134 -10.52 18.62 32.81
C SER B 134 -9.90 18.22 31.48
N LYS B 135 -9.55 16.95 31.32
CA LYS B 135 -9.15 16.42 30.04
C LYS B 135 -10.38 16.32 29.12
N PRO B 136 -10.19 16.46 27.80
CA PRO B 136 -11.32 16.26 26.87
C PRO B 136 -11.87 14.84 26.84
N SER B 137 -11.02 13.84 27.09
CA SER B 137 -11.46 12.47 27.31
C SER B 137 -11.28 12.16 28.78
N LYS B 138 -12.35 11.67 29.42
CA LYS B 138 -12.38 11.41 30.85
C LYS B 138 -11.45 10.26 31.23
N ARG B 139 -10.17 10.56 31.44
CA ARG B 139 -9.17 9.55 31.78
C ARG B 139 -8.34 10.01 32.97
N SER B 140 -7.31 9.24 33.31
CA SER B 140 -6.47 9.44 34.48
C SER B 140 -5.04 9.70 34.03
N PRO B 141 -4.17 10.23 34.90
CA PRO B 141 -2.75 10.33 34.53
C PRO B 141 -2.01 9.00 34.39
N ILE B 142 -2.54 7.90 34.92
CA ILE B 142 -1.99 6.62 34.52
C ILE B 142 -2.63 6.13 33.22
N GLU B 143 -3.89 6.50 32.94
CA GLU B 143 -4.51 6.10 31.69
C GLU B 143 -4.06 6.94 30.52
N ASP B 144 -3.47 8.11 30.76
CA ASP B 144 -2.78 8.83 29.71
C ASP B 144 -1.52 8.08 29.27
N LEU B 145 -0.84 7.44 30.23
CA LEU B 145 0.29 6.58 29.89
C LEU B 145 -0.15 5.31 29.18
N LEU B 146 -1.29 4.74 29.60
CA LEU B 146 -1.93 3.64 28.87
C LEU B 146 -2.30 4.02 27.44
N PHE B 147 -2.77 5.24 27.23
CA PHE B 147 -3.06 5.68 25.87
C PHE B 147 -1.78 5.97 25.10
N ASN B 148 -0.67 6.25 25.80
CA ASN B 148 0.58 6.63 25.13
C ASN B 148 1.63 5.53 25.09
N LYS B 149 1.53 4.47 25.89
CA LYS B 149 2.55 3.42 25.84
C LYS B 149 2.35 2.52 24.64
N VAL B 150 1.24 1.78 24.60
CA VAL B 150 0.98 0.88 23.51
C VAL B 150 0.55 1.67 22.28
N THR B 151 1.23 1.42 21.16
CA THR B 151 1.04 2.17 19.94
C THR B 151 0.76 1.21 18.81
N LEU B 152 -0.06 1.67 17.87
CA LEU B 152 -0.35 0.97 16.63
C LEU B 152 0.45 1.56 15.45
N ALA B 153 1.58 2.17 15.79
CA ALA B 153 2.44 2.93 14.88
C ALA B 153 3.13 2.06 13.84
N ASP B 154 3.94 1.09 14.26
CA ASP B 154 4.68 0.24 13.33
C ASP B 154 3.84 -0.91 12.80
N ALA B 155 2.58 -1.02 13.23
CA ALA B 155 1.66 -1.98 12.67
C ALA B 155 1.30 -1.62 11.23
N GLY B 156 1.14 -2.66 10.41
CA GLY B 156 0.62 -2.43 9.09
C GLY B 156 -0.89 -2.32 9.17
N PHE B 157 -1.49 -1.58 8.23
CA PHE B 157 -2.94 -1.41 8.01
C PHE B 157 -3.72 -0.75 9.15
N ILE B 158 -3.54 -1.19 10.41
CA ILE B 158 -4.13 -0.53 11.57
C ILE B 158 -3.61 0.89 11.72
N LYS B 159 -2.33 1.12 11.41
CA LYS B 159 -1.81 2.47 11.32
C LYS B 159 -2.47 3.24 10.19
N GLN B 160 -2.68 2.58 9.05
CA GLN B 160 -3.31 3.23 7.91
C GLN B 160 -4.80 3.48 8.17
N TYR B 161 -5.55 2.42 8.43
CA TYR B 161 -6.95 2.56 8.79
C TYR B 161 -6.99 3.00 10.25
N GLY B 162 -6.89 4.30 10.49
CA GLY B 162 -6.79 4.81 11.83
C GLY B 162 -6.60 6.31 11.78
N ASP B 163 -5.62 6.76 11.00
CA ASP B 163 -5.55 8.16 10.61
C ASP B 163 -6.23 8.42 9.28
N CYS B 164 -6.79 7.39 8.64
CA CYS B 164 -7.70 7.61 7.52
C CYS B 164 -9.01 8.19 8.02
N LEU B 165 -9.45 7.77 9.22
CA LEU B 165 -10.61 8.39 9.84
C LEU B 165 -10.26 9.78 10.35
N GLY B 166 -8.99 10.01 10.68
CA GLY B 166 -8.51 11.32 11.03
C GLY B 166 -7.91 12.06 9.85
N ASP B 167 -8.48 11.86 8.66
CA ASP B 167 -8.11 12.67 7.51
C ASP B 167 -8.67 14.07 7.68
N ILE B 168 -9.97 14.24 7.37
CA ILE B 168 -10.77 15.47 7.35
C ILE B 168 -10.01 16.52 6.54
N ALA B 169 -9.67 16.15 5.30
CA ALA B 169 -8.83 17.00 4.46
C ALA B 169 -9.11 16.85 2.97
N ALA B 170 -8.93 15.66 2.39
CA ALA B 170 -9.40 15.38 1.04
C ALA B 170 -10.77 14.73 1.14
N ARG B 171 -11.32 14.33 0.00
CA ARG B 171 -12.57 13.57 0.03
C ARG B 171 -12.36 12.17 0.57
N ASP B 172 -11.22 11.53 0.21
CA ASP B 172 -10.70 10.20 0.59
C ASP B 172 -11.53 9.02 0.04
N LEU B 173 -12.80 9.27 -0.32
CA LEU B 173 -13.89 8.33 -0.59
C LEU B 173 -14.08 7.39 0.59
N ILE B 174 -13.53 6.19 0.54
CA ILE B 174 -13.91 5.22 1.56
C ILE B 174 -12.63 4.73 2.18
N CYS B 175 -12.55 4.69 3.51
CA CYS B 175 -11.41 4.07 4.16
C CYS B 175 -11.49 2.55 4.05
N ALA B 176 -12.69 2.01 3.98
CA ALA B 176 -12.92 0.58 3.87
C ALA B 176 -12.65 0.04 2.46
N GLN B 177 -12.67 0.88 1.42
CA GLN B 177 -12.34 0.40 0.08
C GLN B 177 -10.98 0.78 -0.45
N LYS B 178 -10.42 1.94 -0.10
CA LYS B 178 -9.10 2.32 -0.55
C LYS B 178 -8.02 1.45 0.07
N PHE B 179 -8.27 0.93 1.27
CA PHE B 179 -7.32 0.05 1.94
C PHE B 179 -7.71 -1.40 1.78
N ASN B 180 -7.62 -1.89 0.54
CA ASN B 180 -7.53 -3.27 0.07
C ASN B 180 -8.83 -4.07 0.14
N GLY B 181 -9.74 -3.75 1.04
CA GLY B 181 -10.88 -4.59 1.31
C GLY B 181 -11.00 -5.01 2.74
N LEU B 182 -9.96 -4.84 3.53
CA LEU B 182 -9.94 -5.15 4.95
C LEU B 182 -10.52 -3.94 5.67
N THR B 183 -11.07 -4.16 6.85
CA THR B 183 -11.90 -3.18 7.51
C THR B 183 -11.69 -3.30 9.02
N VAL B 184 -11.52 -2.16 9.70
CA VAL B 184 -11.54 -2.15 11.16
C VAL B 184 -12.89 -1.57 11.59
N LEU B 185 -13.70 -2.39 12.22
CA LEU B 185 -14.94 -1.88 12.80
C LEU B 185 -14.63 -1.08 14.06
N PRO B 186 -15.34 0.01 14.30
CA PRO B 186 -15.18 0.70 15.57
C PRO B 186 -15.89 -0.04 16.68
N PRO B 187 -15.38 0.02 17.90
CA PRO B 187 -16.04 -0.69 19.02
C PRO B 187 -17.37 -0.06 19.37
N LEU B 188 -18.27 -0.89 19.90
CA LEU B 188 -19.57 -0.41 20.34
C LEU B 188 -19.44 0.50 21.55
N LEU B 189 -18.60 0.14 22.49
CA LEU B 189 -18.34 0.96 23.67
C LEU B 189 -16.98 1.61 23.50
N THR B 190 -16.95 2.95 23.48
CA THR B 190 -15.71 3.65 23.25
C THR B 190 -14.95 3.81 24.56
N ASP B 191 -13.86 4.57 24.52
CA ASP B 191 -12.98 4.68 25.68
C ASP B 191 -13.60 5.52 26.79
N GLU B 192 -14.48 6.45 26.44
CA GLU B 192 -15.09 7.32 27.43
C GLU B 192 -16.09 6.55 28.28
N MET B 193 -16.93 5.72 27.66
CA MET B 193 -17.86 4.91 28.43
C MET B 193 -17.18 3.78 29.19
N ILE B 194 -16.08 3.23 28.66
CA ILE B 194 -15.32 2.22 29.39
C ILE B 194 -14.65 2.83 30.62
N ALA B 195 -14.09 4.04 30.48
CA ALA B 195 -13.52 4.72 31.62
C ALA B 195 -14.58 5.20 32.61
N GLN B 196 -15.78 5.52 32.13
CA GLN B 196 -16.85 5.89 33.04
C GLN B 196 -17.39 4.68 33.79
N TYR B 197 -17.34 3.50 33.17
CA TYR B 197 -17.73 2.30 33.89
C TYR B 197 -16.65 1.87 34.88
N THR B 198 -15.39 2.23 34.62
CA THR B 198 -14.41 2.11 35.70
C THR B 198 -14.71 3.10 36.81
N SER B 199 -15.14 4.32 36.45
CA SER B 199 -15.39 5.38 37.43
C SER B 199 -16.56 5.06 38.35
N ALA B 200 -17.56 4.32 37.84
CA ALA B 200 -18.69 3.91 38.66
C ALA B 200 -18.27 2.98 39.78
N LEU B 201 -17.44 1.99 39.48
CA LEU B 201 -16.99 1.09 40.52
C LEU B 201 -15.87 1.70 41.37
N LEU B 202 -15.12 2.68 40.85
CA LEU B 202 -14.21 3.43 41.73
C LEU B 202 -14.96 4.33 42.70
N ALA B 203 -16.13 4.82 42.34
CA ALA B 203 -17.00 5.44 43.34
C ALA B 203 -17.50 4.39 44.33
N GLY B 204 -17.94 3.25 43.79
CA GLY B 204 -18.67 2.28 44.59
C GLY B 204 -17.81 1.52 45.59
N THR B 205 -16.55 1.22 45.26
CA THR B 205 -15.73 0.37 46.10
C THR B 205 -15.27 1.09 47.36
N ILE B 206 -14.82 2.33 47.24
CA ILE B 206 -14.27 3.07 48.36
C ILE B 206 -15.35 3.89 49.07
N THR B 207 -16.19 4.60 48.31
CA THR B 207 -17.14 5.46 48.98
C THR B 207 -18.37 4.73 49.48
N SER B 208 -18.54 3.44 49.14
CA SER B 208 -19.74 2.74 49.57
C SER B 208 -19.50 1.28 49.94
N GLY B 209 -18.26 0.85 50.10
CA GLY B 209 -18.00 -0.50 50.54
C GLY B 209 -17.89 -1.51 49.41
N TRP B 210 -17.75 -2.76 49.81
CA TRP B 210 -17.82 -3.85 48.87
C TRP B 210 -19.24 -4.33 48.60
N THR B 211 -20.24 -3.73 49.27
CA THR B 211 -21.61 -4.17 49.17
C THR B 211 -22.33 -3.67 47.93
N PHE B 212 -21.70 -2.81 47.13
CA PHE B 212 -22.38 -2.15 46.03
C PHE B 212 -22.51 -3.02 44.79
N GLY B 213 -21.87 -4.19 44.76
CA GLY B 213 -21.94 -5.02 43.57
C GLY B 213 -23.23 -5.79 43.41
N ALA B 214 -24.02 -5.93 44.49
CA ALA B 214 -25.28 -6.66 44.40
C ALA B 214 -26.34 -5.83 43.69
N GLY B 215 -26.31 -4.51 43.87
CA GLY B 215 -27.25 -3.63 43.21
C GLY B 215 -26.62 -2.29 42.90
N PRO B 216 -27.18 -1.22 43.47
CA PRO B 216 -26.60 0.12 43.25
C PRO B 216 -25.53 0.46 44.27
N ALA B 217 -25.08 1.71 44.28
CA ALA B 217 -24.07 2.14 45.25
C ALA B 217 -24.75 2.43 46.59
N LEU B 218 -24.36 1.69 47.63
CA LEU B 218 -25.02 1.77 48.93
C LEU B 218 -24.03 2.37 49.92
N GLN B 219 -24.20 3.66 50.21
CA GLN B 219 -23.16 4.47 50.86
C GLN B 219 -22.99 4.10 52.34
N ILE B 220 -21.75 4.23 52.79
CA ILE B 220 -21.30 3.77 54.11
C ILE B 220 -20.08 4.61 54.44
N PRO B 221 -19.74 4.80 55.72
CA PRO B 221 -18.42 5.38 56.04
C PRO B 221 -17.27 4.45 55.68
N PHE B 222 -16.14 5.07 55.36
CA PHE B 222 -14.92 4.31 55.07
C PHE B 222 -14.32 3.56 56.27
N PRO B 223 -14.34 4.03 57.54
CA PRO B 223 -14.02 3.10 58.63
C PRO B 223 -15.08 2.03 58.87
N MET B 224 -16.31 2.22 58.39
CA MET B 224 -17.26 1.12 58.44
C MET B 224 -17.02 0.11 57.31
N GLN B 225 -16.31 0.52 56.25
CA GLN B 225 -15.99 -0.41 55.17
C GLN B 225 -14.84 -1.33 55.57
N MET B 226 -13.87 -0.79 56.32
CA MET B 226 -12.65 -1.47 56.73
C MET B 226 -12.84 -2.44 57.90
N ALA B 227 -14.07 -2.60 58.42
CA ALA B 227 -14.29 -3.33 59.66
C ALA B 227 -14.11 -4.83 59.47
N TYR B 228 -14.72 -5.41 58.44
CA TYR B 228 -14.53 -6.82 58.14
C TYR B 228 -13.26 -7.09 57.36
N ARG B 229 -12.65 -6.06 56.76
CA ARG B 229 -11.65 -6.26 55.71
C ARG B 229 -10.32 -6.73 56.28
N PHE B 230 -9.86 -6.11 57.36
CA PHE B 230 -8.62 -6.57 57.98
C PHE B 230 -8.83 -7.84 58.80
N ASN B 231 -10.03 -8.00 59.38
CA ASN B 231 -10.31 -9.20 60.18
C ASN B 231 -10.50 -10.44 59.32
N GLY B 232 -10.86 -10.26 58.05
CA GLY B 232 -10.96 -11.40 57.15
C GLY B 232 -9.63 -11.95 56.67
N ILE B 233 -8.55 -11.22 56.85
CA ILE B 233 -7.22 -11.70 56.47
C ILE B 233 -6.32 -11.87 57.69
N GLY B 234 -6.91 -11.93 58.88
CA GLY B 234 -6.17 -12.30 60.08
C GLY B 234 -5.26 -11.24 60.65
N VAL B 235 -5.51 -9.97 60.34
CA VAL B 235 -4.71 -8.86 60.84
C VAL B 235 -5.62 -7.99 61.71
N THR B 236 -5.16 -7.67 62.93
CA THR B 236 -5.97 -6.91 63.87
C THR B 236 -6.11 -5.47 63.41
N GLN B 237 -7.35 -4.99 63.36
CA GLN B 237 -7.71 -3.79 62.62
C GLN B 237 -7.38 -2.49 63.34
N ASN B 238 -6.92 -2.54 64.60
CA ASN B 238 -6.64 -1.31 65.32
C ASN B 238 -5.35 -0.63 64.87
N VAL B 239 -4.47 -1.36 64.20
CA VAL B 239 -3.25 -0.77 63.64
C VAL B 239 -3.59 0.16 62.49
N LEU B 240 -4.60 -0.22 61.69
CA LEU B 240 -5.16 0.68 60.68
C LEU B 240 -5.84 1.88 61.32
N TYR B 241 -6.65 1.64 62.35
CA TYR B 241 -7.44 2.72 62.94
C TYR B 241 -6.62 3.65 63.83
N GLU B 242 -5.38 3.28 64.16
CA GLU B 242 -4.45 4.19 64.80
C GLU B 242 -3.46 4.79 63.82
N ASN B 243 -3.21 4.14 62.69
CA ASN B 243 -2.30 4.61 61.65
C ASN B 243 -2.98 4.56 60.28
N GLN B 244 -4.06 5.32 60.13
CA GLN B 244 -4.71 5.41 58.82
C GLN B 244 -3.90 6.26 57.87
N LYS B 245 -3.13 7.23 58.40
CA LYS B 245 -2.23 8.02 57.58
C LYS B 245 -1.07 7.17 57.04
N LEU B 246 -0.58 6.23 57.84
CA LEU B 246 0.55 5.40 57.43
C LEU B 246 0.16 4.40 56.34
N ILE B 247 -0.97 3.71 56.51
CA ILE B 247 -1.40 2.74 55.51
C ILE B 247 -1.99 3.44 54.28
N ALA B 248 -2.58 4.62 54.49
CA ALA B 248 -3.01 5.46 53.38
C ALA B 248 -1.84 5.97 52.55
N ASN B 249 -0.76 6.40 53.21
CA ASN B 249 0.45 6.79 52.50
C ASN B 249 1.19 5.60 51.92
N GLN B 250 1.02 4.39 52.49
CA GLN B 250 1.55 3.18 51.87
C GLN B 250 0.83 2.86 50.57
N PHE B 251 -0.49 3.05 50.54
CA PHE B 251 -1.24 2.84 49.30
C PHE B 251 -0.94 3.93 48.28
N ASN B 252 -0.67 5.16 48.75
CA ASN B 252 -0.16 6.21 47.87
C ASN B 252 1.24 5.90 47.38
N SER B 253 2.06 5.22 48.18
CA SER B 253 3.37 4.78 47.73
C SER B 253 3.25 3.64 46.72
N ALA B 254 2.21 2.82 46.85
CA ALA B 254 1.96 1.76 45.88
C ALA B 254 1.53 2.33 44.52
N ILE B 255 0.69 3.38 44.54
CA ILE B 255 0.34 3.97 43.24
C ILE B 255 1.49 4.83 42.71
N GLY B 256 2.36 5.32 43.58
CA GLY B 256 3.62 5.89 43.12
C GLY B 256 4.54 4.85 42.51
N LYS B 257 4.51 3.62 43.03
CA LYS B 257 5.28 2.52 42.47
C LYS B 257 4.79 2.13 41.08
N ILE B 258 3.47 2.11 40.87
CA ILE B 258 3.01 1.84 39.50
C ILE B 258 3.20 3.05 38.58
N GLN B 259 3.27 4.27 39.11
CA GLN B 259 3.70 5.40 38.29
C GLN B 259 5.14 5.23 37.83
N ASP B 260 6.02 4.84 38.75
CA ASP B 260 7.43 4.67 38.43
C ASP B 260 7.68 3.45 37.54
N SER B 261 6.81 2.45 37.63
CA SER B 261 6.94 1.29 36.76
C SER B 261 6.38 1.58 35.36
N LEU B 262 5.25 2.28 35.28
CA LEU B 262 4.60 2.52 34.00
C LEU B 262 5.06 3.80 33.33
N SER B 263 6.03 4.51 33.90
CA SER B 263 6.56 5.69 33.22
C SER B 263 7.39 5.33 31.98
N SER B 264 8.30 4.36 32.10
CA SER B 264 9.38 4.28 31.11
C SER B 264 9.45 2.97 30.33
N THR B 265 9.09 1.85 30.97
CA THR B 265 9.34 0.54 30.38
C THR B 265 8.32 0.25 29.27
N PRO B 266 8.77 -0.03 28.03
CA PRO B 266 7.80 -0.30 26.95
C PRO B 266 7.28 -1.73 26.95
N SER B 267 8.07 -2.68 27.45
CA SER B 267 7.64 -4.07 27.49
C SER B 267 6.73 -4.37 28.66
N ALA B 268 6.64 -3.46 29.64
CA ALA B 268 5.81 -3.69 30.82
C ALA B 268 4.32 -3.62 30.49
N LEU B 269 3.97 -2.94 29.41
CA LEU B 269 2.62 -3.04 28.84
C LEU B 269 2.64 -3.94 27.62
N GLY B 270 3.33 -5.09 27.74
CA GLY B 270 3.75 -5.82 26.56
C GLY B 270 2.64 -6.60 25.88
N LYS B 271 1.76 -7.24 26.69
CA LYS B 271 0.93 -8.34 26.19
C LYS B 271 -0.15 -7.87 25.23
N LEU B 272 -0.88 -6.80 25.60
CA LEU B 272 -1.74 -6.10 24.65
C LEU B 272 -0.98 -5.55 23.46
N GLN B 273 0.24 -5.03 23.72
CA GLN B 273 1.16 -4.64 22.67
C GLN B 273 1.46 -5.83 21.77
N ASP B 274 1.68 -6.99 22.40
CA ASP B 274 1.86 -8.26 21.71
C ASP B 274 0.61 -8.61 20.91
N VAL B 275 -0.58 -8.37 21.50
CA VAL B 275 -1.83 -8.63 20.79
C VAL B 275 -1.98 -7.67 19.61
N VAL B 276 -1.62 -6.39 19.81
CA VAL B 276 -1.75 -5.48 18.68
C VAL B 276 -0.48 -5.55 17.84
N ASN B 277 0.52 -6.33 18.27
CA ASN B 277 1.48 -6.81 17.31
C ASN B 277 0.88 -7.93 16.47
N GLN B 278 0.34 -8.95 17.15
CA GLN B 278 0.17 -10.27 16.54
C GLN B 278 -0.95 -10.27 15.51
N ASN B 279 -2.08 -9.67 15.86
CA ASN B 279 -3.19 -9.50 14.93
C ASN B 279 -2.81 -8.61 13.78
N ALA B 280 -1.96 -7.60 14.05
CA ALA B 280 -1.41 -6.75 12.99
C ALA B 280 -0.54 -7.55 12.04
N GLN B 281 0.24 -8.49 12.60
CA GLN B 281 0.98 -9.43 11.78
C GLN B 281 0.03 -10.30 10.99
N ALA B 282 -1.06 -10.73 11.64
CA ALA B 282 -2.12 -11.48 10.99
C ALA B 282 -2.92 -10.63 10.01
N LEU B 283 -2.80 -9.31 10.08
CA LEU B 283 -3.34 -8.47 9.02
C LEU B 283 -2.36 -8.36 7.87
N ASN B 284 -1.07 -8.19 8.19
CA ASN B 284 -0.06 -7.95 7.16
C ASN B 284 0.21 -9.20 6.35
N THR B 285 0.18 -10.36 7.02
CA THR B 285 0.27 -11.66 6.36
C THR B 285 -0.93 -11.90 5.44
N LEU B 286 -2.08 -11.26 5.71
CA LEU B 286 -3.15 -11.27 4.72
C LEU B 286 -2.76 -10.48 3.47
N VAL B 287 -2.29 -9.23 3.64
CA VAL B 287 -2.19 -8.35 2.49
C VAL B 287 -0.94 -8.66 1.67
N LYS B 288 0.09 -9.23 2.33
CA LYS B 288 1.27 -9.68 1.62
C LYS B 288 0.97 -10.92 0.78
N GLN B 289 -0.08 -11.69 1.16
CA GLN B 289 -0.44 -12.79 0.28
C GLN B 289 -1.27 -12.35 -0.92
N LEU B 290 -1.58 -11.06 -1.08
CA LEU B 290 -2.01 -10.65 -2.41
C LEU B 290 -0.82 -10.41 -3.33
N SER B 291 0.38 -10.19 -2.76
CA SER B 291 1.56 -10.07 -3.59
C SER B 291 2.08 -11.42 -4.06
N SER B 292 1.66 -12.51 -3.41
CA SER B 292 2.08 -13.85 -3.79
C SER B 292 1.31 -14.33 -5.01
N ASN B 293 1.83 -15.37 -5.63
CA ASN B 293 1.36 -15.83 -6.93
C ASN B 293 0.48 -17.06 -6.86
N PHE B 294 0.80 -17.98 -5.94
CA PHE B 294 0.07 -19.23 -5.66
C PHE B 294 -0.04 -20.12 -6.90
N GLY B 295 1.03 -20.16 -7.69
CA GLY B 295 1.03 -21.00 -8.86
C GLY B 295 0.40 -20.39 -10.09
N ALA B 296 0.11 -19.09 -10.08
CA ALA B 296 -0.42 -18.44 -11.26
C ALA B 296 0.71 -17.78 -12.04
N ILE B 297 0.36 -17.08 -13.12
CA ILE B 297 1.37 -16.37 -13.89
C ILE B 297 1.56 -14.92 -13.44
N SER B 298 0.63 -14.39 -12.63
CA SER B 298 0.74 -13.04 -12.11
C SER B 298 0.01 -12.96 -10.79
N SER B 299 0.47 -12.06 -9.93
CA SER B 299 -0.20 -11.83 -8.65
C SER B 299 -1.33 -10.82 -8.76
N VAL B 300 -1.58 -10.30 -9.96
CA VAL B 300 -2.68 -9.38 -10.21
C VAL B 300 -3.77 -10.13 -10.94
N LEU B 301 -4.98 -9.60 -10.84
CA LEU B 301 -6.13 -10.20 -11.50
C LEU B 301 -6.44 -9.51 -12.81
N ASN B 302 -6.08 -8.23 -12.92
CA ASN B 302 -6.40 -7.45 -14.11
C ASN B 302 -5.61 -7.92 -15.32
N ASP B 303 -4.33 -8.24 -15.13
CA ASP B 303 -3.55 -8.75 -16.24
C ASP B 303 -3.89 -10.20 -16.57
N ILE B 304 -4.28 -10.99 -15.56
CA ILE B 304 -4.59 -12.39 -15.86
C ILE B 304 -6.00 -12.53 -16.43
N LEU B 305 -6.85 -11.50 -16.30
CA LEU B 305 -8.11 -11.47 -17.03
C LEU B 305 -8.05 -10.61 -18.28
N SER B 306 -6.98 -9.85 -18.49
CA SER B 306 -6.85 -9.07 -19.70
C SER B 306 -6.04 -9.81 -20.77
N ARG B 307 -4.92 -10.40 -20.38
CA ARG B 307 -4.01 -11.01 -21.34
C ARG B 307 -4.52 -12.35 -21.88
N LEU B 308 -5.30 -13.08 -21.10
CA LEU B 308 -5.71 -14.43 -21.46
C LEU B 308 -7.21 -14.55 -21.62
N ASP B 309 -7.62 -15.35 -22.58
CA ASP B 309 -9.00 -15.78 -22.69
C ASP B 309 -9.34 -16.67 -21.50
N PRO B 310 -10.48 -16.46 -20.84
CA PRO B 310 -10.88 -17.32 -19.70
C PRO B 310 -11.12 -18.79 -20.03
N PRO B 311 -11.34 -19.20 -21.30
CA PRO B 311 -11.06 -20.63 -21.62
C PRO B 311 -9.66 -21.11 -21.30
N GLU B 312 -8.63 -20.29 -21.48
CA GLU B 312 -7.29 -20.65 -21.06
C GLU B 312 -6.92 -20.12 -19.69
N ALA B 313 -7.81 -19.34 -19.05
CA ALA B 313 -7.46 -18.66 -17.81
C ALA B 313 -8.34 -19.02 -16.62
N GLU B 314 -9.36 -19.85 -16.80
CA GLU B 314 -10.14 -20.31 -15.64
C GLU B 314 -9.32 -21.20 -14.72
N VAL B 315 -8.43 -22.01 -15.29
CA VAL B 315 -7.59 -22.88 -14.47
C VAL B 315 -6.51 -22.11 -13.73
N GLN B 316 -6.20 -20.88 -14.15
CA GLN B 316 -5.26 -20.02 -13.45
C GLN B 316 -5.96 -19.09 -12.46
N ILE B 317 -7.15 -18.61 -12.82
CA ILE B 317 -7.85 -17.74 -11.90
C ILE B 317 -8.45 -18.55 -10.76
N ASP B 318 -8.75 -19.85 -10.97
CA ASP B 318 -9.17 -20.68 -9.85
C ASP B 318 -8.01 -21.03 -8.94
N ARG B 319 -6.78 -21.04 -9.47
CA ARG B 319 -5.60 -21.11 -8.61
C ARG B 319 -5.46 -19.86 -7.77
N LEU B 320 -5.79 -18.70 -8.36
CA LEU B 320 -5.80 -17.46 -7.59
C LEU B 320 -6.91 -17.44 -6.54
N ILE B 321 -8.09 -17.99 -6.87
CA ILE B 321 -9.20 -18.13 -5.93
C ILE B 321 -8.81 -19.00 -4.74
N THR B 322 -8.23 -20.17 -5.00
CA THR B 322 -7.92 -21.07 -3.90
C THR B 322 -6.72 -20.59 -3.10
N GLY B 323 -5.81 -19.82 -3.71
CA GLY B 323 -4.73 -19.24 -2.93
C GLY B 323 -5.19 -18.14 -2.00
N ARG B 324 -6.02 -17.21 -2.51
CA ARG B 324 -6.53 -16.12 -1.69
C ARG B 324 -7.54 -16.63 -0.67
N LEU B 325 -8.26 -17.70 -1.02
CA LEU B 325 -9.25 -18.24 -0.11
C LEU B 325 -8.59 -19.07 0.99
N GLN B 326 -7.48 -19.78 0.72
CA GLN B 326 -6.77 -20.40 1.83
C GLN B 326 -6.04 -19.38 2.68
N SER B 327 -5.67 -18.23 2.12
CA SER B 327 -5.19 -17.13 2.94
C SER B 327 -6.27 -16.62 3.90
N LEU B 328 -7.50 -16.50 3.40
CA LEU B 328 -8.61 -16.12 4.26
C LEU B 328 -9.00 -17.21 5.25
N GLN B 329 -8.87 -18.49 4.86
CA GLN B 329 -9.12 -19.59 5.78
C GLN B 329 -8.12 -19.61 6.93
N THR B 330 -6.84 -19.37 6.62
CA THR B 330 -5.83 -19.32 7.67
C THR B 330 -6.04 -18.12 8.58
N TYR B 331 -6.51 -16.99 8.01
CA TYR B 331 -6.83 -15.83 8.84
C TYR B 331 -8.01 -16.12 9.77
N VAL B 332 -9.07 -16.73 9.25
CA VAL B 332 -10.26 -16.98 10.07
C VAL B 332 -9.98 -18.04 11.14
N THR B 333 -9.17 -19.08 10.84
CA THR B 333 -8.88 -20.05 11.90
C THR B 333 -7.90 -19.52 12.94
N GLN B 334 -6.96 -18.64 12.55
CA GLN B 334 -6.09 -18.03 13.55
C GLN B 334 -6.84 -17.01 14.39
N GLN B 335 -7.79 -16.30 13.79
CA GLN B 335 -8.59 -15.35 14.54
C GLN B 335 -9.57 -16.06 15.47
N LEU B 336 -10.09 -17.23 15.09
CA LEU B 336 -10.93 -18.00 16.01
C LEU B 336 -10.13 -18.57 17.18
N ILE B 337 -8.93 -19.08 16.92
CA ILE B 337 -8.12 -19.68 17.99
C ILE B 337 -7.64 -18.61 18.96
N ARG B 338 -7.18 -17.47 18.42
CA ARG B 338 -6.90 -16.31 19.25
C ARG B 338 -8.15 -15.76 19.93
N ALA B 339 -9.31 -15.78 19.27
CA ALA B 339 -10.54 -15.25 19.88
C ALA B 339 -11.03 -16.11 21.02
N ALA B 340 -10.79 -17.42 20.95
CA ALA B 340 -11.01 -18.29 22.10
C ALA B 340 -10.05 -17.95 23.23
N GLU B 341 -8.79 -17.62 22.89
CA GLU B 341 -7.83 -17.23 23.93
C GLU B 341 -8.19 -15.88 24.58
N ILE B 342 -8.64 -14.92 23.77
CA ILE B 342 -8.98 -13.59 24.26
C ILE B 342 -10.29 -13.66 25.06
N ARG B 343 -11.23 -14.51 24.63
CA ARG B 343 -12.45 -14.75 25.40
C ARG B 343 -12.17 -15.40 26.74
N ALA B 344 -11.25 -16.37 26.78
CA ALA B 344 -10.88 -17.01 28.04
C ALA B 344 -10.17 -16.02 28.97
N SER B 345 -9.35 -15.15 28.41
CA SER B 345 -8.71 -14.10 29.21
C SER B 345 -9.71 -13.05 29.68
N ALA B 346 -10.72 -12.75 28.87
CA ALA B 346 -11.71 -11.74 29.23
C ALA B 346 -12.67 -12.26 30.28
N ASN B 347 -13.06 -13.53 30.20
CA ASN B 347 -13.84 -14.11 31.29
C ASN B 347 -13.01 -14.32 32.54
N LEU B 348 -11.68 -14.48 32.42
CA LEU B 348 -10.82 -14.49 33.59
C LEU B 348 -10.76 -13.13 34.26
N ALA B 349 -10.66 -12.05 33.48
CA ALA B 349 -10.65 -10.70 34.03
C ALA B 349 -12.02 -10.31 34.58
N ALA B 350 -13.09 -10.78 33.95
CA ALA B 350 -14.43 -10.51 34.44
C ALA B 350 -14.71 -11.29 35.71
N THR B 351 -14.23 -12.54 35.78
CA THR B 351 -14.38 -13.39 36.95
C THR B 351 -13.55 -12.87 38.11
N LYS B 352 -12.42 -12.21 37.81
CA LYS B 352 -11.48 -11.69 38.81
C LYS B 352 -12.11 -10.53 39.60
N MET B 353 -13.11 -9.85 39.04
CA MET B 353 -13.94 -8.98 39.84
C MET B 353 -15.43 -9.24 39.59
N SER B 354 -15.83 -10.51 39.56
CA SER B 354 -17.26 -10.84 39.50
C SER B 354 -17.82 -10.98 40.92
N GLU B 355 -17.60 -12.14 41.55
CA GLU B 355 -17.92 -12.32 42.97
C GLU B 355 -17.00 -11.54 43.89
N CYS B 356 -15.86 -11.07 43.38
CA CYS B 356 -14.77 -10.53 44.20
C CYS B 356 -14.94 -9.04 44.44
N VAL B 357 -15.77 -8.36 43.63
CA VAL B 357 -16.37 -7.10 44.04
C VAL B 357 -17.45 -7.36 45.10
N LEU B 358 -18.21 -8.44 44.93
CA LEU B 358 -19.32 -8.75 45.84
C LEU B 358 -18.87 -9.47 47.12
N GLY B 359 -17.59 -9.44 47.45
CA GLY B 359 -17.09 -10.07 48.64
C GLY B 359 -15.58 -10.18 48.65
N GLN B 360 -15.07 -11.23 49.27
CA GLN B 360 -13.65 -11.51 49.31
C GLN B 360 -13.48 -13.01 49.45
N SER B 361 -12.23 -13.47 49.47
CA SER B 361 -11.93 -14.88 49.52
C SER B 361 -12.14 -15.45 50.92
N LYS B 362 -12.17 -16.76 50.99
CA LYS B 362 -12.18 -17.51 52.24
C LYS B 362 -10.99 -18.44 52.37
N ARG B 363 -10.69 -19.21 51.33
CA ARG B 363 -9.45 -19.96 51.24
C ARG B 363 -8.36 -19.08 50.63
N VAL B 364 -7.23 -19.70 50.31
CA VAL B 364 -6.02 -18.94 50.02
C VAL B 364 -5.78 -18.91 48.52
N ASP B 365 -5.56 -17.70 47.99
CA ASP B 365 -5.52 -17.37 46.56
C ASP B 365 -6.78 -17.83 45.81
N PHE B 366 -7.93 -17.26 46.19
CA PHE B 366 -9.11 -17.44 45.36
C PHE B 366 -9.24 -16.34 44.31
N CYS B 367 -8.88 -15.11 44.67
CA CYS B 367 -8.78 -13.99 43.73
C CYS B 367 -7.34 -13.64 43.43
N GLY B 368 -6.57 -14.57 42.87
CA GLY B 368 -5.26 -14.24 42.36
C GLY B 368 -4.08 -14.49 43.29
N LYS B 369 -3.55 -13.43 43.90
CA LYS B 369 -2.30 -13.50 44.65
C LYS B 369 -2.52 -13.18 46.13
N GLY B 370 -2.05 -14.08 47.00
CA GLY B 370 -1.93 -13.86 48.43
C GLY B 370 -3.25 -13.69 49.16
N TYR B 371 -3.17 -12.90 50.23
CA TYR B 371 -4.37 -12.46 50.97
C TYR B 371 -4.95 -11.26 50.22
N HIS B 372 -5.70 -11.57 49.16
CA HIS B 372 -6.19 -10.55 48.24
C HIS B 372 -7.35 -9.78 48.86
N LEU B 373 -7.39 -8.47 48.59
CA LEU B 373 -8.43 -7.60 49.15
C LEU B 373 -9.45 -7.17 48.10
N MET B 374 -9.05 -6.39 47.11
CA MET B 374 -9.98 -5.85 46.13
C MET B 374 -9.27 -5.62 44.80
N SER B 375 -9.89 -4.82 43.95
CA SER B 375 -9.54 -4.71 42.55
C SER B 375 -9.68 -3.26 42.14
N PHE B 376 -8.76 -2.75 41.33
CA PHE B 376 -8.75 -1.34 40.97
C PHE B 376 -8.49 -1.17 39.48
N PRO B 377 -9.43 -1.56 38.60
CA PRO B 377 -9.10 -1.70 37.17
C PRO B 377 -8.99 -0.39 36.43
N GLN B 378 -8.31 -0.41 35.29
CA GLN B 378 -8.27 0.74 34.41
C GLN B 378 -8.73 0.31 33.03
N SER B 379 -8.55 1.19 32.07
CA SER B 379 -8.92 0.93 30.69
C SER B 379 -7.65 0.88 29.86
N ALA B 380 -7.78 0.35 28.66
CA ALA B 380 -6.61 0.16 27.81
C ALA B 380 -7.05 0.12 26.38
N PRO B 381 -6.15 0.36 25.42
CA PRO B 381 -6.47 0.05 24.02
C PRO B 381 -6.50 -1.46 23.84
N HIS B 382 -7.67 -1.96 23.39
CA HIS B 382 -7.95 -3.35 23.05
C HIS B 382 -7.79 -4.30 24.24
N GLY B 383 -7.99 -3.80 25.46
CA GLY B 383 -7.83 -4.68 26.59
C GLY B 383 -8.16 -4.02 27.91
N VAL B 384 -7.84 -4.73 28.98
CA VAL B 384 -7.93 -4.22 30.34
C VAL B 384 -6.56 -4.32 31.00
N VAL B 385 -6.22 -3.30 31.78
CA VAL B 385 -4.98 -3.22 32.52
C VAL B 385 -5.32 -3.00 33.98
N PHE B 386 -4.78 -3.85 34.83
CA PHE B 386 -5.38 -4.14 36.11
C PHE B 386 -4.38 -3.87 37.23
N LEU B 387 -4.91 -3.54 38.40
CA LEU B 387 -4.13 -3.31 39.61
C LEU B 387 -4.60 -4.24 40.71
N HIS B 388 -3.66 -4.92 41.35
CA HIS B 388 -3.99 -5.79 42.46
C HIS B 388 -4.22 -4.98 43.74
N VAL B 389 -4.69 -5.66 44.79
CA VAL B 389 -4.46 -5.29 46.19
C VAL B 389 -3.99 -6.57 46.87
N THR B 390 -2.75 -6.57 47.38
CA THR B 390 -2.15 -7.77 47.94
C THR B 390 -1.81 -7.62 49.41
N TYR B 391 -1.28 -8.70 49.97
CA TYR B 391 -0.70 -8.74 51.31
C TYR B 391 0.31 -9.87 51.31
N VAL B 392 1.60 -9.53 51.35
CA VAL B 392 2.67 -10.53 51.50
C VAL B 392 3.49 -10.14 52.73
N PRO B 393 3.51 -10.95 53.80
CA PRO B 393 4.12 -10.53 55.06
C PRO B 393 5.64 -10.44 54.99
N ALA B 394 6.22 -9.66 55.90
CA ALA B 394 7.67 -9.54 55.98
C ALA B 394 8.16 -9.69 57.42
N GLU C 1 3.41 24.59 7.27
CA GLU C 1 4.33 24.68 6.15
C GLU C 1 4.76 23.29 5.70
N VAL C 2 5.35 23.21 4.50
CA VAL C 2 5.92 21.95 4.03
C VAL C 2 7.32 21.80 4.58
N GLN C 3 7.67 20.59 5.01
CA GLN C 3 8.96 20.30 5.59
C GLN C 3 9.45 18.95 5.10
N LEU C 4 10.65 18.94 4.52
CA LEU C 4 11.34 17.71 4.14
C LEU C 4 12.58 17.63 5.01
N VAL C 5 12.40 17.21 6.26
CA VAL C 5 13.50 17.13 7.21
C VAL C 5 14.24 15.83 6.94
N GLU C 6 15.53 15.93 6.65
CA GLU C 6 16.32 14.78 6.27
C GLU C 6 17.55 14.63 7.17
N SER C 7 18.04 13.40 7.25
CA SER C 7 19.16 13.07 8.12
C SER C 7 19.88 11.84 7.58
N GLY C 8 21.10 11.64 8.07
CA GLY C 8 21.89 10.48 7.68
C GLY C 8 23.34 10.79 7.37
N GLY C 9 23.75 12.05 7.53
CA GLY C 9 25.09 12.45 7.16
C GLY C 9 26.13 12.08 8.18
N GLY C 10 27.37 12.42 7.84
CA GLY C 10 28.52 12.19 8.70
C GLY C 10 29.67 11.64 7.90
N VAL C 11 30.65 11.09 8.63
CA VAL C 11 31.85 10.51 8.04
C VAL C 11 31.72 9.00 8.11
N VAL C 12 31.73 8.35 6.95
CA VAL C 12 31.57 6.90 6.86
C VAL C 12 32.76 6.36 6.09
N GLN C 13 33.39 5.29 6.60
CA GLN C 13 34.50 4.62 5.93
C GLN C 13 34.05 4.01 4.60
N PRO C 14 34.96 3.89 3.62
CA PRO C 14 34.60 3.28 2.33
C PRO C 14 34.22 1.81 2.46
N GLY C 15 33.26 1.40 1.63
CA GLY C 15 32.78 0.04 1.62
C GLY C 15 31.72 -0.28 2.65
N ARG C 16 31.29 0.69 3.44
CA ARG C 16 30.31 0.42 4.49
C ARG C 16 28.90 0.68 3.96
N SER C 17 27.93 0.76 4.87
CA SER C 17 26.53 0.93 4.51
C SER C 17 25.94 2.09 5.29
N LEU C 18 24.92 2.72 4.70
CA LEU C 18 24.27 3.89 5.32
C LEU C 18 22.82 3.94 4.84
N ARG C 19 21.99 4.73 5.52
CA ARG C 19 20.56 4.79 5.14
C ARG C 19 20.07 6.21 5.40
N LEU C 20 20.02 7.03 4.35
CA LEU C 20 19.54 8.39 4.45
C LEU C 20 18.02 8.41 4.54
N SER C 21 17.49 9.25 5.43
CA SER C 21 16.06 9.33 5.69
C SER C 21 15.56 10.75 5.44
N CYS C 22 14.51 10.85 4.62
CA CYS C 22 13.83 12.11 4.30
C CYS C 22 12.41 12.02 4.85
N ALA C 23 12.21 12.49 6.08
CA ALA C 23 10.88 12.56 6.65
C ALA C 23 10.16 13.79 6.12
N ALA C 24 8.84 13.68 5.95
CA ALA C 24 8.04 14.72 5.33
C ALA C 24 6.87 15.08 6.23
N SER C 25 6.48 16.34 6.17
CA SER C 25 5.32 16.82 6.91
C SER C 25 4.72 18.02 6.19
N GLY C 26 3.41 18.17 6.35
CA GLY C 26 2.69 19.29 5.78
C GLY C 26 1.92 18.99 4.52
N PHE C 27 2.01 17.77 3.99
CA PHE C 27 1.33 17.40 2.76
C PHE C 27 1.04 15.90 2.80
N THR C 28 0.58 15.36 1.68
CA THR C 28 0.37 13.93 1.56
C THR C 28 1.56 13.33 0.83
N PHE C 29 2.32 12.48 1.53
CA PHE C 29 3.57 11.93 1.01
C PHE C 29 3.30 10.89 -0.06
N SER C 30 2.12 10.25 -0.02
CA SER C 30 1.71 9.28 -1.01
C SER C 30 0.96 9.91 -2.16
N ASN C 31 1.07 11.22 -2.32
CA ASN C 31 0.42 11.95 -3.39
C ASN C 31 1.43 12.50 -4.39
N TYR C 32 2.72 12.47 -4.04
CA TYR C 32 3.78 13.13 -4.78
C TYR C 32 4.92 12.16 -4.98
N ALA C 33 5.71 12.39 -6.03
CA ALA C 33 6.89 11.59 -6.33
C ALA C 33 8.12 12.20 -5.69
N MET C 34 9.21 11.42 -5.66
CA MET C 34 10.36 11.74 -4.83
C MET C 34 11.70 11.62 -5.58
N HIS C 35 12.65 12.44 -5.12
CA HIS C 35 13.91 12.71 -5.80
C HIS C 35 15.07 12.75 -4.81
N TRP C 36 16.15 12.06 -5.15
CA TRP C 36 17.43 12.22 -4.46
C TRP C 36 18.43 12.89 -5.40
N VAL C 37 19.14 13.88 -4.83
CA VAL C 37 19.73 15.05 -5.48
C VAL C 37 21.08 15.30 -4.79
N ARG C 38 22.21 15.31 -5.51
CA ARG C 38 23.45 15.50 -4.73
C ARG C 38 24.42 16.51 -5.34
N GLN C 39 25.31 17.02 -4.48
CA GLN C 39 26.20 18.12 -4.84
C GLN C 39 27.57 17.90 -4.25
N ALA C 40 28.57 17.70 -5.10
CA ALA C 40 29.95 17.63 -4.64
C ALA C 40 30.45 19.02 -4.25
N PRO C 41 31.43 19.10 -3.33
CA PRO C 41 31.99 20.43 -2.99
C PRO C 41 32.82 21.00 -4.12
N GLY C 42 32.51 22.24 -4.48
CA GLY C 42 33.27 22.97 -5.47
C GLY C 42 32.86 22.74 -6.91
N LYS C 43 32.01 21.76 -7.18
CA LYS C 43 31.53 21.45 -8.51
C LYS C 43 30.13 22.01 -8.69
N GLY C 44 29.43 21.49 -9.69
CA GLY C 44 28.03 21.75 -9.86
C GLY C 44 27.21 20.79 -9.03
N LEU C 45 26.13 20.31 -9.63
CA LEU C 45 25.27 19.39 -8.89
C LEU C 45 25.00 18.17 -9.79
N GLU C 46 24.83 17.01 -9.15
CA GLU C 46 24.70 15.72 -9.82
C GLU C 46 23.44 15.00 -9.35
N TRP C 47 22.60 14.58 -10.29
CA TRP C 47 21.37 13.89 -9.94
C TRP C 47 21.66 12.45 -9.53
N VAL C 48 20.87 11.94 -8.57
CA VAL C 48 21.01 10.55 -8.11
C VAL C 48 19.84 9.68 -8.61
N ALA C 49 18.63 9.89 -8.06
CA ALA C 49 17.60 8.86 -8.27
C ALA C 49 16.20 9.44 -8.15
N VAL C 50 15.22 8.67 -8.65
CA VAL C 50 13.80 9.01 -8.57
C VAL C 50 13.03 7.75 -8.20
N ILE C 51 12.08 7.88 -7.25
CA ILE C 51 11.10 6.83 -7.01
C ILE C 51 9.73 7.51 -7.03
N SER C 52 8.70 6.75 -7.41
CA SER C 52 7.34 7.26 -7.54
C SER C 52 6.67 7.33 -6.18
N TYR C 53 5.37 7.65 -6.17
CA TYR C 53 4.61 7.71 -4.93
C TYR C 53 4.38 6.33 -4.33
N ASP C 54 4.39 5.29 -5.15
CA ASP C 54 4.12 3.93 -4.75
C ASP C 54 5.35 3.04 -4.59
N GLY C 55 6.40 3.30 -5.35
CA GLY C 55 7.60 2.48 -5.34
C GLY C 55 7.72 1.51 -6.49
N SER C 56 6.79 1.51 -7.44
CA SER C 56 6.86 0.56 -8.54
C SER C 56 7.74 1.06 -9.67
N ASN C 57 8.13 2.33 -9.62
CA ASN C 57 8.83 2.98 -10.73
C ASN C 57 10.06 3.68 -10.17
N LYS C 58 11.20 3.00 -10.22
CA LYS C 58 12.47 3.54 -9.76
C LYS C 58 13.39 3.77 -10.96
N TYR C 59 14.15 4.84 -10.90
CA TYR C 59 15.22 5.05 -11.87
C TYR C 59 16.42 5.65 -11.18
N TYR C 60 17.60 5.33 -11.71
CA TYR C 60 18.86 5.78 -11.15
C TYR C 60 19.72 6.37 -12.25
N ALA C 61 20.76 7.09 -11.86
CA ALA C 61 21.64 7.71 -12.83
C ALA C 61 22.70 6.72 -13.29
N ASP C 62 23.57 7.18 -14.19
CA ASP C 62 24.51 6.28 -14.85
C ASP C 62 25.69 5.91 -13.96
N SER C 63 26.16 6.84 -13.13
CA SER C 63 27.25 6.56 -12.20
C SER C 63 26.76 6.19 -10.81
N VAL C 64 25.54 5.67 -10.74
CA VAL C 64 24.76 5.53 -9.50
C VAL C 64 24.26 4.10 -9.41
N LYS C 65 24.00 3.51 -10.57
CA LYS C 65 23.16 2.32 -10.69
C LYS C 65 23.83 1.07 -10.13
N GLY C 66 23.16 0.45 -9.14
CA GLY C 66 23.67 -0.76 -8.53
C GLY C 66 23.92 -0.63 -7.04
N ARG C 67 24.80 0.31 -6.69
CA ARG C 67 25.18 0.51 -5.29
C ARG C 67 24.08 1.19 -4.50
N PHE C 68 23.70 2.39 -4.95
CA PHE C 68 22.58 3.17 -4.47
C PHE C 68 21.29 2.38 -4.65
N THR C 69 20.41 2.41 -3.64
CA THR C 69 19.05 1.97 -3.91
C THR C 69 18.08 2.85 -3.14
N ILE C 70 16.83 2.87 -3.60
CA ILE C 70 15.85 3.81 -3.10
C ILE C 70 14.58 3.03 -2.72
N SER C 71 13.88 3.54 -1.70
CA SER C 71 12.65 2.95 -1.20
C SER C 71 11.87 4.05 -0.48
N ARG C 72 10.63 3.75 -0.13
CA ARG C 72 9.84 4.68 0.66
C ARG C 72 8.96 3.91 1.63
N ASP C 73 8.45 4.63 2.64
CA ASP C 73 7.44 4.11 3.55
C ASP C 73 6.43 5.22 3.77
N ASN C 74 5.18 4.97 3.39
CA ASN C 74 4.16 6.01 3.39
C ASN C 74 3.45 6.15 4.73
N SER C 75 3.57 5.15 5.61
CA SER C 75 2.88 5.22 6.89
C SER C 75 3.57 6.18 7.86
N LYS C 76 4.87 6.42 7.67
CA LYS C 76 5.58 7.40 8.46
C LYS C 76 6.03 8.60 7.64
N ASN C 77 5.59 8.67 6.36
CA ASN C 77 5.88 9.74 5.40
C ASN C 77 7.38 9.94 5.19
N THR C 78 8.09 8.83 4.96
CA THR C 78 9.54 8.83 5.00
C THR C 78 10.10 8.23 3.72
N LEU C 79 11.19 8.82 3.23
CA LEU C 79 11.90 8.35 2.05
C LEU C 79 13.26 7.77 2.46
N TYR C 80 13.61 6.62 1.89
CA TYR C 80 14.78 5.87 2.31
C TYR C 80 15.74 5.72 1.15
N LEU C 81 17.01 6.07 1.38
CA LEU C 81 18.06 5.88 0.38
C LEU C 81 19.16 5.04 1.01
N GLN C 82 19.34 3.82 0.52
CA GLN C 82 20.21 2.86 1.15
C GLN C 82 21.53 2.77 0.39
N MET C 83 22.63 2.85 1.15
CA MET C 83 23.99 3.04 0.68
C MET C 83 24.70 1.71 0.87
N ASN C 84 25.09 1.07 -0.22
CA ASN C 84 25.99 -0.06 -0.19
C ASN C 84 27.28 0.30 -0.92
N SER C 85 28.41 0.06 -0.25
CA SER C 85 29.78 0.16 -0.77
C SER C 85 30.10 1.59 -1.23
N LEU C 86 30.59 2.37 -0.27
CA LEU C 86 30.86 3.77 -0.54
C LEU C 86 32.27 3.98 -1.10
N ARG C 87 32.41 5.01 -1.91
CA ARG C 87 33.64 5.31 -2.62
C ARG C 87 33.98 6.77 -2.37
N ALA C 88 35.28 7.11 -2.39
CA ALA C 88 35.78 8.41 -1.97
C ALA C 88 35.36 9.56 -2.89
N GLU C 89 34.87 9.29 -4.10
CA GLU C 89 34.30 10.35 -4.92
C GLU C 89 32.85 10.65 -4.59
N ASP C 90 32.24 9.92 -3.65
CA ASP C 90 30.88 10.19 -3.22
C ASP C 90 30.80 11.10 -2.01
N THR C 91 31.85 11.87 -1.76
CA THR C 91 31.81 12.92 -0.75
C THR C 91 30.94 14.06 -1.29
N ALA C 92 29.71 14.16 -0.78
CA ALA C 92 28.75 15.09 -1.36
C ALA C 92 27.70 15.47 -0.33
N VAL C 93 27.01 16.57 -0.62
CA VAL C 93 25.83 16.98 0.12
C VAL C 93 24.61 16.42 -0.58
N TYR C 94 23.78 15.67 0.15
CA TYR C 94 22.62 15.02 -0.41
C TYR C 94 21.35 15.80 -0.03
N TYR C 95 20.40 15.85 -0.95
CA TYR C 95 19.15 16.57 -0.83
C TYR C 95 18.01 15.69 -1.29
N CYS C 96 16.91 15.76 -0.56
CA CYS C 96 15.62 15.19 -0.94
C CYS C 96 14.77 16.29 -1.57
N ALA C 97 14.13 15.97 -2.69
CA ALA C 97 13.27 16.95 -3.35
C ALA C 97 11.98 16.30 -3.80
N ARG C 98 10.92 17.10 -3.88
CA ARG C 98 9.64 16.59 -4.35
C ARG C 98 9.31 17.14 -5.74
N GLU C 99 8.52 16.37 -6.48
CA GLU C 99 8.19 16.67 -7.87
C GLU C 99 6.74 17.15 -7.94
N ASN C 100 6.56 18.43 -8.25
CA ASN C 100 5.24 18.98 -8.48
C ASN C 100 5.06 19.31 -9.95
N ASN C 101 3.90 18.94 -10.47
CA ASN C 101 3.65 18.92 -11.91
C ASN C 101 2.52 19.89 -12.21
N TYR C 102 2.86 21.03 -12.83
CA TYR C 102 1.84 21.95 -13.31
C TYR C 102 1.35 21.46 -14.66
N TYR C 103 0.11 20.98 -14.69
CA TYR C 103 -0.50 20.49 -15.93
C TYR C 103 -0.87 21.68 -16.80
N ASP C 104 -0.79 21.47 -18.10
CA ASP C 104 -1.38 22.35 -19.09
C ASP C 104 -1.91 21.49 -20.24
N SER C 105 -2.65 22.13 -21.15
CA SER C 105 -3.22 21.39 -22.27
C SER C 105 -2.18 21.03 -23.32
N SER C 106 -1.11 21.82 -23.45
CA SER C 106 -0.10 21.58 -24.47
C SER C 106 1.00 20.63 -24.03
N GLY C 107 0.97 20.16 -22.79
CA GLY C 107 2.01 19.26 -22.32
C GLY C 107 1.90 18.91 -20.85
N TYR C 108 3.05 18.86 -20.18
CA TYR C 108 3.11 18.47 -18.77
C TYR C 108 4.44 18.99 -18.23
N SER C 109 4.41 20.05 -17.43
CA SER C 109 5.63 20.69 -16.95
C SER C 109 6.10 20.05 -15.65
N TYR C 110 7.40 20.17 -15.37
CA TYR C 110 8.04 19.47 -14.26
C TYR C 110 8.96 20.44 -13.54
N TYR C 111 8.91 20.42 -12.20
CA TYR C 111 9.82 21.27 -11.42
C TYR C 111 10.03 20.66 -10.04
N PHE C 112 10.93 21.30 -9.29
CA PHE C 112 11.26 20.86 -7.94
C PHE C 112 10.79 21.96 -7.00
N ASP C 113 9.64 21.78 -6.37
CA ASP C 113 9.13 22.87 -5.55
C ASP C 113 9.78 22.91 -4.17
N TYR C 114 9.92 21.78 -3.50
CA TYR C 114 10.42 21.80 -2.13
C TYR C 114 11.55 20.79 -1.93
N TRP C 115 12.45 21.16 -1.02
CA TRP C 115 13.78 20.58 -0.83
C TRP C 115 14.00 20.23 0.63
N GLY C 116 15.16 19.66 0.91
CA GLY C 116 15.62 19.45 2.26
C GLY C 116 16.55 20.55 2.72
N GLN C 117 17.32 20.26 3.75
CA GLN C 117 18.32 21.19 4.26
C GLN C 117 19.75 20.73 3.97
N GLY C 118 19.94 19.63 3.24
CA GLY C 118 21.26 19.17 2.91
C GLY C 118 21.94 18.36 4.00
N THR C 119 22.35 17.14 3.67
CA THR C 119 23.11 16.29 4.59
C THR C 119 24.45 15.97 3.97
N LEU C 120 25.53 16.37 4.64
CA LEU C 120 26.88 16.09 4.16
C LEU C 120 27.25 14.64 4.45
N VAL C 121 27.71 13.93 3.43
CA VAL C 121 28.20 12.56 3.57
C VAL C 121 29.62 12.55 3.02
N THR C 122 30.58 12.22 3.88
CA THR C 122 31.98 12.17 3.49
C THR C 122 32.48 10.73 3.59
N VAL C 123 33.26 10.32 2.60
CA VAL C 123 33.77 8.95 2.51
C VAL C 123 35.29 9.01 2.66
N SER C 124 35.78 8.78 3.88
CA SER C 124 37.22 8.69 4.13
C SER C 124 37.51 7.82 5.35
N GLU D 1 20.27 10.43 -23.28
CA GLU D 1 21.50 11.10 -22.89
C GLU D 1 21.58 12.52 -23.43
N ILE D 2 21.26 13.50 -22.60
CA ILE D 2 21.43 14.90 -22.93
C ILE D 2 22.35 15.51 -21.88
N VAL D 3 23.51 16.00 -22.33
CA VAL D 3 24.38 16.77 -21.46
C VAL D 3 24.01 18.24 -21.61
N LEU D 4 24.18 19.00 -20.54
CA LEU D 4 23.77 20.40 -20.51
C LEU D 4 24.98 21.27 -20.26
N THR D 5 25.16 22.29 -21.11
CA THR D 5 26.35 23.13 -21.08
C THR D 5 25.92 24.58 -20.87
N GLN D 6 26.63 25.29 -20.00
CA GLN D 6 26.36 26.69 -19.74
C GLN D 6 27.61 27.52 -20.01
N SER D 7 27.40 28.81 -20.23
CA SER D 7 28.50 29.74 -20.44
C SER D 7 28.14 31.11 -19.92
N PRO D 8 28.94 31.71 -19.02
CA PRO D 8 30.21 31.25 -18.47
C PRO D 8 30.08 30.39 -17.22
N GLY D 9 31.20 30.04 -16.60
CA GLY D 9 31.15 29.33 -15.33
C GLY D 9 30.95 30.22 -14.13
N THR D 10 31.33 31.50 -14.25
CA THR D 10 31.14 32.50 -13.21
C THR D 10 31.08 33.85 -13.89
N LEU D 11 30.04 34.64 -13.59
CA LEU D 11 29.87 35.97 -14.15
C LEU D 11 30.01 37.00 -13.03
N SER D 12 30.60 38.15 -13.34
CA SER D 12 30.76 39.23 -12.36
C SER D 12 30.27 40.53 -12.99
N LEU D 13 29.19 41.08 -12.44
CA LEU D 13 28.60 42.32 -12.94
C LEU D 13 28.22 43.21 -11.79
N SER D 14 28.15 44.51 -12.06
CA SER D 14 27.71 45.51 -11.10
C SER D 14 26.21 45.36 -10.85
N PRO D 15 25.72 45.78 -9.68
CA PRO D 15 24.27 45.74 -9.44
C PRO D 15 23.48 46.81 -10.19
N GLY D 16 22.28 46.45 -10.63
CA GLY D 16 21.35 47.38 -11.23
C GLY D 16 21.06 47.16 -12.70
N GLU D 17 21.88 46.40 -13.42
CA GLU D 17 21.67 46.22 -14.84
C GLU D 17 21.04 44.85 -15.11
N ARG D 18 21.18 44.37 -16.33
CA ARG D 18 20.70 43.05 -16.73
C ARG D 18 21.83 42.04 -16.62
N ALA D 19 21.50 40.81 -16.21
CA ALA D 19 22.44 39.71 -16.17
C ALA D 19 22.01 38.64 -17.15
N THR D 20 22.94 38.22 -18.01
CA THR D 20 22.63 37.27 -19.08
C THR D 20 23.35 35.96 -18.79
N LEU D 21 22.57 34.89 -18.64
CA LEU D 21 23.09 33.54 -18.49
C LEU D 21 22.54 32.68 -19.61
N SER D 22 23.35 31.74 -20.08
CA SER D 22 22.99 30.89 -21.22
C SER D 22 23.14 29.42 -20.83
N CYS D 23 22.28 28.58 -21.40
CA CYS D 23 22.34 27.14 -21.24
C CYS D 23 22.19 26.48 -22.60
N ARG D 24 22.86 25.35 -22.79
CA ARG D 24 22.95 24.68 -24.09
C ARG D 24 22.89 23.18 -23.88
N ALA D 25 22.08 22.50 -24.68
CA ALA D 25 21.89 21.06 -24.57
C ALA D 25 22.72 20.30 -25.59
N SER D 26 22.45 19.00 -25.69
CA SER D 26 23.10 18.13 -26.66
C SER D 26 22.17 17.71 -27.78
N GLN D 27 20.86 17.74 -27.56
CA GLN D 27 19.91 17.33 -28.57
C GLN D 27 18.92 18.45 -28.78
N SER D 28 17.80 18.12 -29.43
CA SER D 28 16.68 19.05 -29.53
C SER D 28 15.74 18.79 -28.37
N VAL D 29 15.82 19.63 -27.34
CA VAL D 29 14.98 19.47 -26.17
C VAL D 29 13.57 19.94 -26.51
N SER D 30 12.61 19.03 -26.39
CA SER D 30 11.26 19.26 -26.87
C SER D 30 10.41 19.92 -25.80
N SER D 31 9.73 21.01 -26.19
CA SER D 31 8.67 21.72 -25.46
C SER D 31 9.15 22.37 -24.15
N SER D 32 10.47 22.51 -23.99
CA SER D 32 11.16 23.08 -22.83
C SER D 32 10.75 22.40 -21.52
N TYR D 33 11.27 21.20 -21.31
CA TYR D 33 11.06 20.48 -20.06
C TYR D 33 12.23 20.73 -19.11
N LEU D 34 12.49 22.00 -18.83
CA LEU D 34 13.59 22.33 -17.93
C LEU D 34 13.19 23.46 -16.99
N ALA D 35 14.13 23.84 -16.14
CA ALA D 35 13.85 24.72 -15.03
C ALA D 35 15.12 25.42 -14.58
N TRP D 36 14.95 26.47 -13.79
CA TRP D 36 16.05 27.30 -13.31
C TRP D 36 15.92 27.48 -11.80
N TYR D 37 17.06 27.46 -11.11
CA TYR D 37 17.10 27.30 -9.67
C TYR D 37 18.07 28.30 -9.08
N GLN D 38 17.90 28.62 -7.81
CA GLN D 38 18.83 29.51 -7.11
C GLN D 38 19.37 28.77 -5.90
N GLN D 39 20.61 28.32 -6.00
CA GLN D 39 21.34 27.81 -4.85
C GLN D 39 22.02 29.00 -4.21
N LYS D 40 21.40 29.53 -3.14
CA LYS D 40 22.11 30.47 -2.30
C LYS D 40 23.27 29.75 -1.62
N PRO D 41 24.46 30.35 -1.56
CA PRO D 41 25.68 29.61 -1.19
C PRO D 41 25.69 29.10 0.24
N GLY D 42 25.76 27.79 0.37
CA GLY D 42 25.60 27.10 1.62
C GLY D 42 24.20 26.58 1.87
N GLN D 43 23.22 26.99 1.09
CA GLN D 43 21.82 26.66 1.32
C GLN D 43 21.29 25.76 0.22
N ALA D 44 20.05 25.32 0.40
CA ALA D 44 19.37 24.48 -0.57
C ALA D 44 18.99 25.30 -1.79
N PRO D 45 18.90 24.67 -2.97
CA PRO D 45 18.43 25.39 -4.16
C PRO D 45 16.95 25.74 -4.07
N ARG D 46 16.59 26.84 -4.72
CA ARG D 46 15.24 27.38 -4.69
C ARG D 46 14.79 27.65 -6.11
N LEU D 47 13.59 27.18 -6.46
CA LEU D 47 13.12 27.21 -7.83
C LEU D 47 12.72 28.63 -8.26
N LEU D 48 13.20 29.04 -9.44
CA LEU D 48 12.85 30.31 -10.05
C LEU D 48 11.95 30.15 -11.26
N ILE D 49 12.48 29.60 -12.35
CA ILE D 49 11.74 29.44 -13.60
C ILE D 49 11.40 27.97 -13.74
N TYR D 50 10.20 27.66 -14.23
CA TYR D 50 9.84 26.31 -14.64
C TYR D 50 9.34 26.35 -16.07
N GLY D 51 9.69 25.32 -16.85
CA GLY D 51 9.29 25.29 -18.24
C GLY D 51 10.07 26.21 -19.15
N ALA D 52 11.19 26.77 -18.66
CA ALA D 52 12.07 27.74 -19.30
C ALA D 52 11.34 29.01 -19.76
N SER D 53 10.26 29.40 -19.08
CA SER D 53 9.49 30.59 -19.46
C SER D 53 8.64 31.18 -18.35
N SER D 54 8.32 30.44 -17.29
CA SER D 54 7.30 30.85 -16.33
C SER D 54 7.88 30.91 -14.93
N ARG D 55 7.56 31.99 -14.22
CA ARG D 55 8.08 32.26 -12.89
C ARG D 55 7.31 31.48 -11.83
N ALA D 56 7.98 31.20 -10.72
CA ALA D 56 7.40 30.43 -9.64
C ALA D 56 6.78 31.34 -8.59
N THR D 57 6.34 30.74 -7.49
CA THR D 57 5.64 31.46 -6.45
C THR D 57 6.63 32.02 -5.44
N GLY D 58 6.49 33.31 -5.16
CA GLY D 58 7.52 34.01 -4.41
C GLY D 58 8.66 34.47 -5.26
N ILE D 59 8.51 34.41 -6.58
CA ILE D 59 9.55 34.74 -7.54
C ILE D 59 9.06 35.92 -8.37
N PRO D 60 9.73 37.08 -8.33
CA PRO D 60 9.25 38.25 -9.06
C PRO D 60 9.40 38.18 -10.57
N ASP D 61 9.02 39.25 -11.26
CA ASP D 61 9.09 39.32 -12.71
C ASP D 61 10.43 39.83 -13.21
N ARG D 62 11.39 40.08 -12.31
CA ARG D 62 12.70 40.51 -12.76
C ARG D 62 13.51 39.36 -13.35
N PHE D 63 13.26 38.13 -12.88
CA PHE D 63 13.81 36.94 -13.53
C PHE D 63 12.93 36.60 -14.72
N SER D 64 13.55 36.34 -15.87
CA SER D 64 12.82 35.98 -17.08
C SER D 64 13.71 35.13 -17.96
N GLY D 65 13.20 33.97 -18.37
CA GLY D 65 13.96 33.05 -19.18
C GLY D 65 13.19 32.66 -20.42
N SER D 66 13.94 32.25 -21.43
CA SER D 66 13.37 31.84 -22.70
C SER D 66 14.36 30.91 -23.39
N GLY D 67 13.88 30.22 -24.40
CA GLY D 67 14.74 29.37 -25.20
C GLY D 67 13.94 28.36 -26.00
N SER D 68 14.60 27.80 -27.02
CA SER D 68 14.02 26.75 -27.85
C SER D 68 15.16 25.93 -28.45
N GLY D 69 14.84 24.69 -28.81
CA GLY D 69 15.76 23.84 -29.53
C GLY D 69 16.96 23.37 -28.73
N THR D 70 17.95 24.23 -28.59
CA THR D 70 19.20 23.92 -27.90
C THR D 70 19.71 25.07 -27.04
N ASP D 71 19.75 26.29 -27.60
CA ASP D 71 20.23 27.46 -26.87
C ASP D 71 19.12 27.98 -25.96
N PHE D 72 19.43 28.07 -24.67
CA PHE D 72 18.46 28.45 -23.64
C PHE D 72 19.06 29.57 -22.80
N THR D 73 18.27 30.62 -22.52
CA THR D 73 18.78 31.83 -21.90
C THR D 73 18.04 32.16 -20.61
N LEU D 74 18.69 32.97 -19.76
CA LEU D 74 18.06 33.58 -18.60
C LEU D 74 18.48 35.04 -18.49
N THR D 75 17.51 35.92 -18.28
CA THR D 75 17.75 37.36 -18.20
C THR D 75 17.19 37.89 -16.89
N ILE D 76 18.04 38.47 -16.06
CA ILE D 76 17.65 39.04 -14.78
C ILE D 76 18.00 40.52 -14.82
N SER D 77 16.99 41.37 -15.03
CA SER D 77 17.19 42.81 -15.07
C SER D 77 17.05 43.40 -13.67
N ARG D 78 17.79 44.49 -13.43
CA ARG D 78 17.89 45.23 -12.17
C ARG D 78 18.37 44.33 -11.02
N LEU D 79 19.69 44.27 -10.90
CA LEU D 79 20.35 43.31 -10.01
C LEU D 79 20.30 43.81 -8.58
N GLU D 80 19.40 43.26 -7.79
CA GLU D 80 19.38 43.46 -6.35
C GLU D 80 20.49 42.65 -5.69
N PRO D 81 20.96 43.06 -4.49
CA PRO D 81 22.03 42.30 -3.83
C PRO D 81 21.66 40.89 -3.36
N GLU D 82 20.37 40.56 -3.27
CA GLU D 82 19.97 39.19 -2.95
C GLU D 82 19.92 38.29 -4.18
N ASP D 83 20.21 38.82 -5.37
CA ASP D 83 20.13 38.08 -6.61
C ASP D 83 21.46 37.50 -7.05
N PHE D 84 22.52 37.63 -6.24
CA PHE D 84 23.85 37.15 -6.62
C PHE D 84 24.07 35.77 -6.01
N ALA D 85 23.74 34.73 -6.79
CA ALA D 85 23.88 33.36 -6.34
C ALA D 85 24.16 32.46 -7.54
N VAL D 86 24.13 31.15 -7.30
CA VAL D 86 24.50 30.17 -8.32
C VAL D 86 23.23 29.69 -8.99
N TYR D 87 23.18 29.76 -10.32
CA TYR D 87 21.97 29.43 -11.06
C TYR D 87 22.21 28.24 -11.98
N TYR D 88 21.17 27.42 -12.18
CA TYR D 88 21.28 26.13 -12.84
C TYR D 88 20.28 26.00 -13.97
N CYS D 89 20.55 25.07 -14.89
CA CYS D 89 19.54 24.55 -15.82
C CYS D 89 19.48 23.04 -15.68
N GLN D 90 18.26 22.50 -15.65
CA GLN D 90 17.97 21.16 -15.16
C GLN D 90 16.89 20.53 -16.00
N GLN D 91 17.23 19.50 -16.79
CA GLN D 91 16.24 18.85 -17.63
C GLN D 91 15.65 17.66 -16.87
N TYR D 92 14.42 17.29 -17.24
CA TYR D 92 13.77 16.14 -16.62
C TYR D 92 12.86 15.39 -17.57
N GLY D 93 12.38 15.98 -18.65
CA GLY D 93 11.65 15.25 -19.66
C GLY D 93 12.57 14.51 -20.62
N SER D 94 12.01 14.14 -21.77
CA SER D 94 12.64 13.45 -22.91
C SER D 94 13.20 12.08 -22.55
N SER D 95 14.23 12.05 -21.70
CA SER D 95 14.69 10.83 -21.08
C SER D 95 13.97 10.63 -19.76
N PRO D 96 14.03 9.41 -19.16
CA PRO D 96 13.59 9.28 -17.76
C PRO D 96 14.52 9.93 -16.76
N MET D 97 15.75 10.21 -17.19
CA MET D 97 16.82 10.75 -16.38
C MET D 97 16.54 12.20 -16.02
N CYS D 98 17.24 12.69 -15.00
CA CYS D 98 17.40 14.10 -14.73
C CYS D 98 18.87 14.46 -14.88
N SER D 99 19.15 15.54 -15.60
CA SER D 99 20.51 15.95 -15.85
C SER D 99 20.65 17.42 -15.49
N PHE D 100 21.78 17.78 -14.89
CA PHE D 100 21.99 19.19 -14.57
C PHE D 100 23.03 19.76 -15.51
N GLY D 101 23.04 21.08 -15.61
CA GLY D 101 24.16 21.78 -16.21
C GLY D 101 25.18 22.14 -15.15
N GLN D 102 26.29 22.72 -15.61
CA GLN D 102 27.33 23.05 -14.64
C GLN D 102 27.12 24.41 -13.99
N GLY D 103 26.26 25.26 -14.55
CA GLY D 103 25.83 26.46 -13.87
C GLY D 103 26.77 27.64 -13.96
N THR D 104 26.38 28.71 -13.25
CA THR D 104 27.11 29.96 -13.23
C THR D 104 26.80 30.66 -11.92
N LYS D 105 27.84 31.12 -11.22
CA LYS D 105 27.68 32.01 -10.07
C LYS D 105 27.76 33.45 -10.54
N VAL D 106 26.85 34.28 -10.05
CA VAL D 106 26.84 35.71 -10.40
C VAL D 106 27.54 36.49 -9.30
N GLU D 107 28.55 37.28 -9.68
CA GLU D 107 29.40 38.00 -8.74
C GLU D 107 29.25 39.51 -8.93
N ILE D 108 30.14 40.26 -8.28
CA ILE D 108 30.11 41.72 -8.27
C ILE D 108 31.37 42.23 -8.97
N LYS D 109 31.20 43.16 -9.90
CA LYS D 109 32.33 43.80 -10.55
C LYS D 109 32.47 45.27 -10.15
C1 NAG E . 6.14 -11.49 -47.33
C2 NAG E . 5.97 -12.59 -48.37
C3 NAG E . 4.49 -12.69 -48.75
C4 NAG E . 3.52 -12.61 -47.57
C5 NAG E . 4.03 -11.81 -46.34
C6 NAG E . 3.44 -12.32 -45.04
C7 NAG E . 7.74 -13.17 -50.01
C8 NAG E . 7.95 -14.46 -49.26
N2 NAG E . 6.80 -12.33 -49.54
O3 NAG E . 4.28 -13.90 -49.46
O4 NAG E . 2.40 -11.85 -48.02
O5 NAG E . 5.45 -11.85 -46.17
O6 NAG E . 4.44 -12.97 -44.26
O7 NAG E . 8.40 -12.89 -51.01
C1 NAG E . 1.18 -12.57 -48.20
C2 NAG E . 0.04 -11.55 -47.95
C3 NAG E . -1.36 -12.12 -48.32
C4 NAG E . -1.34 -12.78 -49.69
C5 NAG E . -0.19 -13.80 -49.77
C6 NAG E . -0.07 -14.44 -51.14
C7 NAG E . -0.03 -11.07 -45.37
C8 NAG E . -0.28 -12.50 -44.90
N2 NAG E . 0.07 -10.77 -46.69
O3 NAG E . -2.31 -11.06 -48.32
O4 NAG E . -2.57 -13.45 -49.93
O5 NAG E . 1.06 -13.15 -49.51
O6 NAG E . 1.28 -14.77 -51.43
O7 NAG E . 0.06 -10.18 -44.54
C1 NAG F . -3.08 12.86 -29.69
C2 NAG F . -4.62 12.79 -29.78
C3 NAG F . -5.24 14.17 -29.45
C4 NAG F . -4.73 14.70 -28.11
C5 NAG F . -3.19 14.71 -28.09
C6 NAG F . -2.62 15.11 -26.76
C7 NAG F . -6.14 11.62 -31.32
C8 NAG F . -6.42 11.25 -32.74
N2 NAG F . -5.04 12.36 -31.10
O3 NAG F . -6.65 14.08 -29.42
O4 NAG F . -5.20 16.02 -27.90
O5 NAG F . -2.70 13.39 -28.37
O6 NAG F . -1.22 14.87 -26.70
O7 NAG F . -6.87 11.28 -30.40
C1 NAG G . -17.30 15.29 5.86
C2 NAG G . -16.81 16.53 6.59
C3 NAG G . -16.70 17.70 5.61
C4 NAG G . -15.85 17.33 4.39
C5 NAG G . -16.30 16.01 3.76
C6 NAG G . -15.38 15.51 2.67
C7 NAG G . -17.36 16.57 8.98
C8 NAG G . -18.35 16.98 10.03
N2 NAG G . -17.67 16.86 7.72
O3 NAG G . -16.08 18.77 6.31
O4 NAG G . -15.86 18.39 3.44
O5 NAG G . -16.39 14.98 4.76
O6 NAG G . -15.87 15.85 1.38
O7 NAG G . -16.33 15.97 9.28
#